data_8CW2
#
_entry.id   8CW2
#
_cell.length_a   49.728
_cell.length_b   104.758
_cell.length_c   193.213
_cell.angle_alpha   90.000
_cell.angle_beta   90.000
_cell.angle_gamma   90.000
#
_symmetry.space_group_name_H-M   'P 21 21 21'
#
loop_
_entity.id
_entity.type
_entity.pdbx_description
1 polymer 'Tyrosyl-DNA phosphodiesterase 1'
2 non-polymer '4-({(4R)-7-phenyl-2-[4-(2-{[4-(pyridin-2-yl)phenyl]methoxy}ethyl)phenyl]imidazo[1,2-a]pyridin-3-yl}amino)benzene-1,2-dicarboxylic acid'
3 non-polymer 'DIMETHYL SULFOXIDE'
4 non-polymer '3[N-MORPHOLINO]PROPANE SULFONIC ACID'
5 non-polymer 1,2-ETHANEDIOL
6 water water
#
_entity_poly.entity_id   1
_entity_poly.type   'polypeptide(L)'
_entity_poly.pdbx_seq_one_letter_code
;SGEGQDIWDMLDKGNPFQFYLTRVSGVKPKYNSGALHIKDILSPLFGTLVSSAQFNYCFDVDWLVKQYPPEFRKKPILLV
HGDKREAKAHLHAQAKPYENISLCQAKLDIAFGTHHTKMMLLLYEEGLRVVIHTSNLIHADWHQKTQGIWLSPLYPRIAD
GTHKSGESPTHFKADLISYLMAYNAPSLKEWIDVIHKHDLSETNVYLIGSTPGRFQGSQKDNWGHFRLKKLLKDHASSMP
NAESWPVVGQFSSVGSLGADESKWLCSEFKESMLTLGKESKTPGKSSVPLYLIYPSVENVRTSLEGYPAGGSLPYSIQTA
EKQNWLHSYFHKWSAETSGRSNAMPHIKTYMRPSPDFSKIAWFLVTSANLSKAAWGALEKNGTQLMIRSYELGVLFLPSA
FGLDSFKVKQKFFAGSQEPMATFPVPYDLPPELYGSKDRPWIWNIPYVKAPDTHGNMWVPS
;
_entity_poly.pdbx_strand_id   A,B
#
loop_
_chem_comp.id
_chem_comp.type
_chem_comp.name
_chem_comp.formula
DMS non-polymer 'DIMETHYL SULFOXIDE' 'C2 H6 O S'
EDO non-polymer 1,2-ETHANEDIOL 'C2 H6 O2'
MPO non-polymer '3[N-MORPHOLINO]PROPANE SULFONIC ACID' 'C7 H15 N O4 S'
OYR non-polymer '4-({(4R)-7-phenyl-2-[4-(2-{[4-(pyridin-2-yl)phenyl]methoxy}ethyl)phenyl]imidazo[1,2-a]pyridin-3-yl}amino)benzene-1,2-dicarboxylic acid' 'C41 H32 N4 O5'
#
# COMPACT_ATOMS: atom_id res chain seq x y z
N ASN A 15 20.45 12.35 -5.62
CA ASN A 15 19.85 11.02 -5.71
C ASN A 15 18.79 10.79 -4.63
N PRO A 16 17.71 10.12 -4.98
CA PRO A 16 16.73 9.67 -3.98
C PRO A 16 16.92 8.24 -3.50
N PHE A 17 17.88 7.49 -4.05
CA PHE A 17 17.87 6.05 -3.78
C PHE A 17 18.57 5.70 -2.48
N GLN A 18 19.57 6.49 -2.05
CA GLN A 18 20.28 6.24 -0.80
C GLN A 18 20.89 4.84 -0.78
N PHE A 19 21.42 4.43 -1.92
CA PHE A 19 22.12 3.16 -2.08
C PHE A 19 23.61 3.49 -2.14
N TYR A 20 24.40 2.88 -1.26
CA TYR A 20 25.81 3.18 -1.11
C TYR A 20 26.64 1.90 -1.20
N LEU A 21 27.89 2.06 -1.59
CA LEU A 21 28.86 1.00 -1.40
C LEU A 21 29.73 1.30 -0.17
N THR A 22 30.29 0.25 0.42
CA THR A 22 31.28 0.46 1.47
C THR A 22 32.59 0.98 0.88
N ARG A 23 33.34 1.68 1.73
CA ARG A 23 34.67 2.17 1.37
C ARG A 23 35.62 0.99 1.12
N VAL A 24 36.48 1.14 0.11
CA VAL A 24 37.47 0.13 -0.24
C VAL A 24 38.88 0.71 -0.07
N SER A 25 39.66 0.09 0.80
N SER A 25 39.66 0.08 0.80
CA SER A 25 41.04 0.51 0.97
CA SER A 25 41.05 0.50 0.98
C SER A 25 41.87 0.09 -0.24
C SER A 25 41.89 0.08 -0.21
N GLY A 26 42.45 1.05 -0.93
CA GLY A 26 43.31 0.76 -2.06
C GLY A 26 42.74 1.13 -3.43
N VAL A 27 41.59 1.78 -3.48
CA VAL A 27 41.15 2.41 -4.72
C VAL A 27 41.38 3.91 -4.60
N LYS A 28 41.43 4.56 -5.76
CA LYS A 28 41.66 6.00 -5.78
C LYS A 28 40.53 6.71 -5.03
N PRO A 29 40.81 7.87 -4.43
CA PRO A 29 39.76 8.55 -3.64
C PRO A 29 38.48 8.80 -4.42
N LYS A 30 38.60 9.05 -5.73
CA LYS A 30 37.43 9.19 -6.61
C LYS A 30 36.42 8.07 -6.41
N TYR A 31 36.87 6.86 -6.14
CA TYR A 31 35.98 5.71 -6.00
C TYR A 31 35.52 5.47 -4.57
N ASN A 32 35.91 6.32 -3.61
CA ASN A 32 35.38 6.27 -2.26
C ASN A 32 34.59 7.52 -1.90
N SER A 33 34.55 8.50 -2.80
CA SER A 33 33.74 9.70 -2.66
C SER A 33 32.26 9.30 -2.71
N GLY A 34 31.58 9.37 -1.59
CA GLY A 34 30.23 8.86 -1.56
C GLY A 34 30.09 7.40 -1.22
N ALA A 35 31.20 6.73 -0.88
CA ALA A 35 31.11 5.43 -0.21
C ALA A 35 31.03 5.67 1.30
N LEU A 36 30.62 4.64 2.03
CA LEU A 36 30.46 4.77 3.49
C LEU A 36 31.24 3.68 4.20
N HIS A 37 32.04 4.08 5.19
CA HIS A 37 32.57 3.13 6.16
C HIS A 37 31.59 3.00 7.31
N ILE A 38 31.70 1.89 8.06
CA ILE A 38 30.84 1.71 9.23
C ILE A 38 31.01 2.86 10.21
N LYS A 39 32.24 3.39 10.33
CA LYS A 39 32.45 4.53 11.22
C LYS A 39 31.67 5.75 10.77
N ASP A 40 31.51 5.94 9.45
CA ASP A 40 30.64 7.02 8.96
C ASP A 40 29.18 6.80 9.36
N ILE A 41 28.68 5.56 9.22
CA ILE A 41 27.28 5.27 9.50
C ILE A 41 26.96 5.53 10.97
N LEU A 42 27.89 5.21 11.86
CA LEU A 42 27.66 5.35 13.30
C LEU A 42 28.07 6.72 13.82
N SER A 43 28.57 7.59 12.95
CA SER A 43 29.07 8.91 13.33
C SER A 43 27.98 9.74 14.03
N PRO A 44 28.38 10.64 14.93
N PRO A 44 28.38 10.63 14.94
CA PRO A 44 27.38 11.56 15.52
CA PRO A 44 27.38 11.56 15.52
C PRO A 44 26.70 12.44 14.49
C PRO A 44 26.69 12.42 14.48
N LEU A 45 27.29 12.62 13.31
CA LEU A 45 26.65 13.42 12.27
C LEU A 45 25.38 12.76 11.74
N PHE A 46 25.24 11.45 11.87
CA PHE A 46 24.04 10.73 11.46
C PHE A 46 22.96 10.72 12.54
N GLY A 47 23.29 11.08 13.76
CA GLY A 47 22.32 11.13 14.84
C GLY A 47 23.00 10.87 16.17
N THR A 48 22.33 11.30 17.24
CA THR A 48 22.85 11.13 18.60
C THR A 48 22.34 9.81 19.14
N LEU A 49 23.20 8.81 19.16
CA LEU A 49 22.80 7.45 19.43
C LEU A 49 22.34 7.28 20.88
N VAL A 50 21.20 6.60 21.03
CA VAL A 50 20.66 6.21 22.32
C VAL A 50 20.78 4.71 22.53
N SER A 51 20.52 3.93 21.48
N SER A 51 20.56 3.93 21.47
CA SER A 51 20.70 2.48 21.53
CA SER A 51 20.52 2.48 21.52
C SER A 51 20.66 1.98 20.10
C SER A 51 20.61 1.97 20.09
N SER A 52 21.15 0.75 19.92
CA SER A 52 21.22 0.18 18.59
C SER A 52 21.03 -1.33 18.66
N ALA A 53 20.56 -1.89 17.54
CA ALA A 53 20.51 -3.33 17.33
C ALA A 53 21.32 -3.66 16.09
N GLN A 54 22.16 -4.70 16.19
CA GLN A 54 23.00 -5.15 15.08
C GLN A 54 22.60 -6.57 14.71
N PHE A 55 21.82 -6.71 13.64
CA PHE A 55 21.49 -8.03 13.09
C PHE A 55 22.64 -8.45 12.19
N ASN A 56 23.15 -9.66 12.39
CA ASN A 56 24.18 -10.09 11.46
C ASN A 56 24.37 -11.60 11.55
N TYR A 57 25.36 -12.08 10.80
CA TYR A 57 25.78 -13.48 10.83
C TYR A 57 26.99 -13.68 11.73
N CYS A 58 28.07 -12.92 11.51
N CYS A 58 28.05 -12.89 11.50
CA CYS A 58 29.20 -13.08 12.41
CA CYS A 58 29.31 -13.01 12.20
C CYS A 58 29.72 -11.72 12.82
C CYS A 58 29.69 -11.66 12.83
N PHE A 59 30.36 -11.72 13.98
CA PHE A 59 30.70 -10.53 14.74
C PHE A 59 32.11 -10.67 15.29
N ASP A 60 32.87 -9.58 15.22
CA ASP A 60 34.08 -9.39 16.00
C ASP A 60 33.70 -8.28 16.98
N VAL A 61 33.37 -8.66 18.22
CA VAL A 61 32.74 -7.70 19.11
C VAL A 61 33.73 -6.59 19.48
N ASP A 62 34.99 -6.94 19.77
CA ASP A 62 35.99 -5.92 20.09
C ASP A 62 36.10 -4.91 18.96
N TRP A 63 36.17 -5.40 17.72
CA TRP A 63 36.23 -4.51 16.56
C TRP A 63 34.96 -3.68 16.46
N LEU A 64 33.81 -4.32 16.64
CA LEU A 64 32.54 -3.64 16.45
C LEU A 64 32.39 -2.45 17.40
N VAL A 65 32.76 -2.64 18.69
CA VAL A 65 32.59 -1.55 19.64
C VAL A 65 33.48 -0.37 19.27
N LYS A 66 34.67 -0.65 18.74
CA LYS A 66 35.57 0.43 18.34
C LYS A 66 35.10 1.20 17.10
N GLN A 67 34.12 0.68 16.35
CA GLN A 67 33.54 1.44 15.23
C GLN A 67 32.51 2.47 15.68
N TYR A 68 31.99 2.34 16.88
CA TYR A 68 31.09 3.34 17.43
C TYR A 68 31.92 4.54 17.90
N PRO A 69 31.38 5.75 17.81
CA PRO A 69 32.07 6.91 18.36
C PRO A 69 32.35 6.71 19.83
N PRO A 70 33.50 7.18 20.34
CA PRO A 70 33.82 6.95 21.76
C PRO A 70 32.71 7.39 22.69
N GLU A 71 32.06 8.51 22.41
CA GLU A 71 30.98 9.01 23.26
C GLU A 71 29.75 8.11 23.24
N PHE A 72 29.62 7.21 22.25
CA PHE A 72 28.47 6.32 22.16
C PHE A 72 28.79 4.88 22.54
N ARG A 73 30.00 4.59 23.00
CA ARG A 73 30.40 3.18 23.09
C ARG A 73 29.76 2.44 24.26
N LYS A 74 29.20 3.15 25.23
CA LYS A 74 28.53 2.48 26.34
C LYS A 74 27.01 2.48 26.21
N LYS A 75 26.47 3.00 25.11
CA LYS A 75 25.04 2.90 24.86
C LYS A 75 24.66 1.45 24.60
N PRO A 76 23.43 1.05 24.92
CA PRO A 76 23.01 -0.34 24.74
C PRO A 76 23.15 -0.80 23.29
N ILE A 77 23.67 -2.01 23.13
CA ILE A 77 23.79 -2.69 21.84
C ILE A 77 23.14 -4.07 21.98
N LEU A 78 22.28 -4.41 21.03
CA LEU A 78 21.70 -5.75 20.92
C LEU A 78 22.30 -6.43 19.70
N LEU A 79 22.91 -7.59 19.91
CA LEU A 79 23.43 -8.40 18.81
C LEU A 79 22.41 -9.49 18.49
N VAL A 80 21.90 -9.51 17.26
CA VAL A 80 20.92 -10.52 16.83
C VAL A 80 21.64 -11.47 15.88
N HIS A 81 21.69 -12.75 16.25
CA HIS A 81 22.55 -13.73 15.63
C HIS A 81 21.81 -15.06 15.58
N GLY A 82 22.37 -16.03 14.87
CA GLY A 82 21.78 -17.37 14.87
C GLY A 82 22.63 -18.49 15.44
N ASP A 83 23.69 -18.16 16.17
CA ASP A 83 24.64 -19.17 16.62
C ASP A 83 24.05 -20.07 17.70
N LYS A 84 24.46 -21.35 17.68
CA LYS A 84 24.06 -22.35 18.67
C LYS A 84 25.28 -22.98 19.32
N ARG A 85 25.04 -23.60 20.47
CA ARG A 85 25.97 -24.54 21.10
C ARG A 85 27.31 -23.85 21.32
N GLU A 86 28.45 -24.44 20.91
CA GLU A 86 29.74 -23.84 21.20
C GLU A 86 29.93 -22.51 20.49
N ALA A 87 29.40 -22.36 19.27
CA ALA A 87 29.49 -21.07 18.57
C ALA A 87 28.78 -19.98 19.36
N LYS A 88 27.61 -20.29 19.92
CA LYS A 88 26.89 -19.32 20.75
C LYS A 88 27.70 -18.95 21.99
N ALA A 89 28.31 -19.96 22.62
CA ALA A 89 29.14 -19.68 23.78
C ALA A 89 30.30 -18.77 23.42
N HIS A 90 30.92 -18.99 22.25
CA HIS A 90 32.01 -18.12 21.83
C HIS A 90 31.56 -16.68 21.67
N LEU A 91 30.35 -16.48 21.12
CA LEU A 91 29.86 -15.11 20.94
C LEU A 91 29.57 -14.47 22.29
N HIS A 92 28.96 -15.20 23.21
CA HIS A 92 28.72 -14.64 24.54
C HIS A 92 30.03 -14.27 25.22
N ALA A 93 31.05 -15.10 25.06
CA ALA A 93 32.35 -14.79 25.66
C ALA A 93 32.94 -13.51 25.07
N GLN A 94 32.75 -13.30 23.76
CA GLN A 94 33.17 -12.07 23.10
C GLN A 94 32.52 -10.84 23.74
N ALA A 95 31.23 -10.92 24.01
CA ALA A 95 30.49 -9.76 24.47
C ALA A 95 30.52 -9.58 25.98
N LYS A 96 30.92 -10.60 26.73
CA LYS A 96 30.92 -10.52 28.19
C LYS A 96 31.66 -9.30 28.76
N PRO A 97 32.81 -8.86 28.22
CA PRO A 97 33.47 -7.68 28.80
C PRO A 97 32.66 -6.40 28.69
N TYR A 98 31.63 -6.36 27.84
CA TYR A 98 30.86 -5.16 27.56
C TYR A 98 29.47 -5.31 28.19
N GLU A 99 29.28 -4.68 29.35
CA GLU A 99 28.03 -4.86 30.08
C GLU A 99 26.84 -4.25 29.35
N ASN A 100 27.07 -3.35 28.40
CA ASN A 100 26.00 -2.74 27.62
C ASN A 100 25.55 -3.58 26.44
N ILE A 101 26.16 -4.74 26.20
CA ILE A 101 25.82 -5.56 25.04
C ILE A 101 24.89 -6.68 25.51
N SER A 102 23.75 -6.79 24.85
CA SER A 102 22.83 -7.91 25.01
C SER A 102 22.78 -8.72 23.71
N LEU A 103 22.33 -9.96 23.83
CA LEU A 103 22.27 -10.84 22.67
C LEU A 103 20.88 -11.43 22.51
N CYS A 104 20.48 -11.62 21.25
CA CYS A 104 19.23 -12.29 20.89
C CYS A 104 19.58 -13.42 19.94
N GLN A 105 19.27 -14.66 20.34
CA GLN A 105 19.53 -15.82 19.51
C GLN A 105 18.30 -16.09 18.66
N ALA A 106 18.40 -15.81 17.36
CA ALA A 106 17.29 -16.06 16.45
C ALA A 106 17.05 -17.56 16.31
N LYS A 107 15.80 -17.99 16.50
CA LYS A 107 15.51 -19.42 16.41
C LYS A 107 15.68 -19.92 14.98
N LEU A 108 16.34 -21.07 14.84
CA LEU A 108 16.60 -21.72 13.55
C LEU A 108 16.13 -23.16 13.70
N ASP A 109 14.81 -23.34 13.67
CA ASP A 109 14.23 -24.64 13.98
C ASP A 109 14.09 -25.55 12.77
N ILE A 110 14.48 -25.09 11.58
CA ILE A 110 14.59 -25.95 10.42
C ILE A 110 16.08 -26.20 10.18
N ALA A 111 16.43 -27.47 9.95
CA ALA A 111 17.84 -27.83 9.79
C ALA A 111 18.50 -27.05 8.67
N PHE A 112 19.79 -26.75 8.86
CA PHE A 112 20.66 -26.14 7.85
C PHE A 112 20.26 -24.72 7.50
N GLY A 113 19.66 -24.01 8.45
CA GLY A 113 19.32 -22.61 8.27
C GLY A 113 20.37 -21.70 8.88
N THR A 114 20.37 -20.46 8.42
CA THR A 114 21.35 -19.47 8.86
C THR A 114 20.64 -18.16 9.14
N HIS A 115 21.14 -17.40 10.11
CA HIS A 115 20.71 -16.00 10.26
C HIS A 115 21.66 -15.11 9.47
N HIS A 116 21.29 -14.81 8.21
CA HIS A 116 22.12 -14.02 7.31
C HIS A 116 21.82 -12.53 7.37
N THR A 117 20.61 -12.16 7.80
CA THR A 117 20.16 -10.77 7.73
C THR A 117 21.19 -9.82 8.32
N LYS A 118 21.49 -8.76 7.58
CA LYS A 118 22.40 -7.72 8.05
C LYS A 118 21.65 -6.39 8.09
N MET A 119 21.41 -5.92 9.31
CA MET A 119 20.58 -4.73 9.51
C MET A 119 21.04 -4.03 10.79
N MET A 120 21.04 -2.70 10.74
CA MET A 120 21.21 -1.88 11.93
C MET A 120 19.92 -1.14 12.20
N LEU A 121 19.45 -1.20 13.45
CA LEU A 121 18.42 -0.28 13.94
C LEU A 121 19.13 0.72 14.84
N LEU A 122 19.01 1.99 14.52
CA LEU A 122 19.76 3.04 15.20
C LEU A 122 18.76 4.02 15.80
N LEU A 123 18.58 3.97 17.12
CA LEU A 123 17.67 4.87 17.81
C LEU A 123 18.45 6.10 18.28
N TYR A 124 17.97 7.27 17.90
CA TYR A 124 18.64 8.53 18.22
C TYR A 124 17.75 9.38 19.11
N GLU A 125 18.37 10.41 19.71
CA GLU A 125 17.58 11.46 20.34
C GLU A 125 16.65 12.14 19.33
N GLU A 126 17.08 12.20 18.08
CA GLU A 126 16.40 12.94 17.02
C GLU A 126 15.42 12.09 16.22
N GLY A 127 15.43 10.79 16.39
CA GLY A 127 14.59 9.93 15.57
C GLY A 127 15.15 8.53 15.50
N LEU A 128 14.84 7.85 14.39
CA LEU A 128 15.21 6.46 14.19
C LEU A 128 15.78 6.30 12.79
N ARG A 129 16.81 5.44 12.65
CA ARG A 129 17.31 5.08 11.34
C ARG A 129 17.38 3.57 11.20
N VAL A 130 17.09 3.09 10.00
CA VAL A 130 17.23 1.69 9.63
C VAL A 130 18.30 1.59 8.55
N VAL A 131 19.23 0.65 8.71
CA VAL A 131 20.28 0.40 7.73
C VAL A 131 20.22 -1.08 7.34
N ILE A 132 19.97 -1.35 6.06
CA ILE A 132 19.96 -2.72 5.57
C ILE A 132 21.14 -2.86 4.61
N HIS A 133 22.03 -3.81 4.89
CA HIS A 133 23.33 -3.82 4.22
C HIS A 133 23.79 -5.27 4.07
N THR A 134 25.02 -5.45 3.57
CA THR A 134 25.46 -6.81 3.23
C THR A 134 26.72 -7.27 3.97
N SER A 135 27.28 -6.46 4.87
CA SER A 135 28.56 -6.78 5.50
C SER A 135 28.41 -7.39 6.88
N ASN A 136 29.20 -8.44 7.13
CA ASN A 136 29.42 -8.92 8.50
C ASN A 136 30.14 -7.87 9.32
N LEU A 137 30.05 -8.00 10.66
CA LEU A 137 30.66 -7.03 11.56
C LEU A 137 32.06 -7.51 11.97
N ILE A 138 32.90 -7.67 10.94
CA ILE A 138 34.30 -8.01 11.08
C ILE A 138 35.08 -7.10 10.16
N HIS A 139 36.36 -6.86 10.51
CA HIS A 139 37.17 -5.89 9.76
C HIS A 139 37.23 -6.24 8.28
N ALA A 140 37.43 -7.52 7.95
CA ALA A 140 37.64 -7.90 6.55
C ALA A 140 36.45 -7.55 5.67
N ASP A 141 35.22 -7.56 6.22
CA ASP A 141 34.08 -7.30 5.34
C ASP A 141 33.95 -5.84 4.93
N TRP A 142 34.65 -4.93 5.61
CA TRP A 142 34.59 -3.51 5.32
C TRP A 142 35.91 -2.99 4.78
N HIS A 143 36.86 -3.87 4.49
CA HIS A 143 38.20 -3.44 4.14
C HIS A 143 38.36 -3.32 2.62
N GLN A 144 38.26 -4.45 1.91
CA GLN A 144 38.49 -4.42 0.47
C GLN A 144 37.46 -5.22 -0.31
N LYS A 145 36.23 -5.29 0.18
CA LYS A 145 35.17 -6.01 -0.52
C LYS A 145 34.19 -5.02 -1.13
N THR A 146 33.47 -5.46 -2.16
CA THR A 146 32.32 -4.71 -2.66
C THR A 146 31.10 -5.12 -1.85
N GLN A 147 30.54 -4.17 -1.08
CA GLN A 147 29.39 -4.39 -0.21
C GLN A 147 28.36 -3.29 -0.47
N GLY A 148 27.08 -3.58 -0.21
CA GLY A 148 26.01 -2.62 -0.46
C GLY A 148 25.32 -2.17 0.82
N ILE A 149 24.84 -0.92 0.81
CA ILE A 149 24.16 -0.33 1.95
C ILE A 149 22.93 0.42 1.46
N TRP A 150 21.79 0.20 2.11
CA TRP A 150 20.66 1.10 1.99
C TRP A 150 20.50 1.86 3.30
N LEU A 151 20.50 3.19 3.21
CA LEU A 151 20.33 4.08 4.36
C LEU A 151 18.93 4.65 4.36
N SER A 152 18.16 4.36 5.41
CA SER A 152 16.84 4.95 5.53
C SER A 152 16.96 6.44 5.82
N PRO A 153 15.89 7.22 5.58
CA PRO A 153 15.86 8.59 6.09
C PRO A 153 15.91 8.58 7.61
N LEU A 154 16.20 9.74 8.19
CA LEU A 154 15.96 9.92 9.63
C LEU A 154 14.45 9.97 9.85
N TYR A 155 13.92 8.94 10.50
CA TYR A 155 12.50 8.89 10.79
C TYR A 155 12.20 9.66 12.07
N PRO A 156 11.32 10.66 12.05
CA PRO A 156 11.03 11.38 13.28
C PRO A 156 10.05 10.62 14.16
N ARG A 157 10.06 10.98 15.44
CA ARG A 157 9.13 10.41 16.39
C ARG A 157 7.74 11.00 16.18
N ILE A 158 6.71 10.15 16.29
CA ILE A 158 5.33 10.64 16.32
C ILE A 158 5.04 11.17 17.71
N ALA A 159 4.54 12.39 17.78
CA ALA A 159 4.27 13.04 19.07
C ALA A 159 3.32 12.20 19.92
N ASP A 160 3.60 12.17 21.23
CA ASP A 160 2.70 11.53 22.17
C ASP A 160 1.32 12.16 22.08
N GLY A 161 0.29 11.32 22.01
CA GLY A 161 -1.07 11.77 21.82
C GLY A 161 -1.50 11.85 20.37
N THR A 162 -0.56 11.89 19.43
CA THR A 162 -0.88 11.85 18.01
C THR A 162 -1.21 10.43 17.60
N HIS A 163 -2.31 10.26 16.87
CA HIS A 163 -2.65 8.97 16.27
C HIS A 163 -2.50 9.08 14.76
N LYS A 164 -1.46 8.44 14.23
CA LYS A 164 -1.27 8.34 12.79
C LYS A 164 -0.49 7.07 12.52
N SER A 165 -0.57 6.57 11.29
CA SER A 165 0.06 5.29 11.01
C SER A 165 1.57 5.41 10.98
N GLY A 166 2.08 6.53 10.49
CA GLY A 166 3.51 6.55 10.18
C GLY A 166 3.90 5.66 9.02
N GLU A 167 2.94 5.24 8.19
CA GLU A 167 3.20 4.23 7.19
C GLU A 167 3.55 4.86 5.83
N SER A 168 4.36 4.15 5.04
N SER A 168 4.37 4.14 5.04
CA SER A 168 4.80 4.59 3.73
CA SER A 168 4.81 4.58 3.73
C SER A 168 3.92 3.99 2.64
C SER A 168 3.93 3.99 2.64
N PRO A 169 3.94 4.56 1.42
CA PRO A 169 3.19 3.93 0.31
C PRO A 169 3.69 2.54 -0.02
N THR A 170 4.90 2.17 0.40
CA THR A 170 5.43 0.82 0.20
C THR A 170 5.13 -0.14 1.37
N HIS A 171 4.43 0.32 2.40
CA HIS A 171 4.04 -0.52 3.54
C HIS A 171 5.24 -0.95 4.36
N PHE A 172 6.33 -0.19 4.29
CA PHE A 172 7.60 -0.59 4.90
C PHE A 172 7.50 -0.72 6.41
N LYS A 173 6.73 0.16 7.07
CA LYS A 173 6.72 0.12 8.53
C LYS A 173 6.06 -1.16 9.03
N ALA A 174 4.86 -1.48 8.51
CA ALA A 174 4.20 -2.73 8.88
C ALA A 174 5.03 -3.94 8.46
N ASP A 175 5.69 -3.87 7.30
CA ASP A 175 6.43 -5.02 6.82
C ASP A 175 7.68 -5.28 7.65
N LEU A 176 8.35 -4.22 8.09
CA LEU A 176 9.50 -4.40 8.99
C LEU A 176 9.05 -4.94 10.34
N ILE A 177 7.94 -4.43 10.87
CA ILE A 177 7.44 -4.98 12.12
C ILE A 177 7.11 -6.46 11.96
N SER A 178 6.49 -6.82 10.83
N SER A 178 6.50 -6.83 10.83
CA SER A 178 6.16 -8.22 10.56
CA SER A 178 6.16 -8.23 10.57
C SER A 178 7.42 -9.08 10.51
C SER A 178 7.43 -9.09 10.52
N TYR A 179 8.47 -8.59 9.85
CA TYR A 179 9.74 -9.29 9.84
C TYR A 179 10.26 -9.52 11.26
N LEU A 180 10.23 -8.46 12.09
CA LEU A 180 10.71 -8.61 13.47
C LEU A 180 9.80 -9.54 14.29
N MET A 181 8.49 -9.50 14.03
N MET A 181 8.48 -9.50 14.03
CA MET A 181 7.57 -10.32 14.81
CA MET A 181 7.56 -10.33 14.79
C MET A 181 7.86 -11.80 14.64
C MET A 181 7.87 -11.81 14.65
N ALA A 182 8.40 -12.21 13.49
CA ALA A 182 8.65 -13.62 13.22
C ALA A 182 9.71 -14.20 14.16
N TYR A 183 10.57 -13.37 14.76
CA TYR A 183 11.56 -13.90 15.69
C TYR A 183 10.94 -14.37 16.98
N ASN A 184 9.78 -13.80 17.36
CA ASN A 184 9.15 -14.13 18.65
C ASN A 184 10.11 -13.86 19.82
N ALA A 185 10.80 -12.73 19.77
CA ALA A 185 11.88 -12.46 20.74
C ALA A 185 11.56 -11.23 21.57
N PRO A 186 11.72 -11.27 22.89
CA PRO A 186 11.35 -10.12 23.72
C PRO A 186 12.19 -8.89 23.43
N SER A 187 13.50 -9.05 23.15
CA SER A 187 14.31 -7.87 22.86
C SER A 187 13.86 -7.21 21.57
N LEU A 188 13.30 -7.99 20.64
CA LEU A 188 12.85 -7.41 19.38
C LEU A 188 11.45 -6.85 19.48
N LYS A 189 10.61 -7.34 20.42
CA LYS A 189 9.36 -6.64 20.66
C LYS A 189 9.63 -5.21 21.13
N GLU A 190 10.70 -5.01 21.92
CA GLU A 190 11.05 -3.66 22.35
C GLU A 190 11.35 -2.77 21.14
N TRP A 191 12.06 -3.32 20.15
CA TRP A 191 12.36 -2.55 18.95
C TRP A 191 11.13 -2.34 18.09
N ILE A 192 10.21 -3.31 18.06
CA ILE A 192 8.94 -3.10 17.38
C ILE A 192 8.18 -1.93 18.00
N ASP A 193 8.18 -1.83 19.33
CA ASP A 193 7.50 -0.72 19.98
C ASP A 193 8.17 0.61 19.68
N VAL A 194 9.50 0.61 19.54
CA VAL A 194 10.21 1.80 19.09
C VAL A 194 9.76 2.19 17.68
N ILE A 195 9.72 1.20 16.78
CA ILE A 195 9.33 1.51 15.39
C ILE A 195 7.92 2.05 15.34
N HIS A 196 7.01 1.48 16.15
CA HIS A 196 5.64 1.98 16.24
C HIS A 196 5.59 3.48 16.53
N LYS A 197 6.50 4.00 17.36
CA LYS A 197 6.42 5.40 17.77
C LYS A 197 7.11 6.35 16.78
N HIS A 198 7.59 5.86 15.64
CA HIS A 198 8.25 6.70 14.64
C HIS A 198 7.47 6.72 13.33
N ASP A 199 7.70 7.79 12.58
CA ASP A 199 7.04 8.04 11.30
C ASP A 199 7.96 7.56 10.18
N LEU A 200 7.61 6.44 9.54
CA LEU A 200 8.43 5.87 8.47
C LEU A 200 7.87 6.19 7.08
N SER A 201 7.00 7.20 6.98
CA SER A 201 6.22 7.37 5.77
C SER A 201 7.06 7.79 4.57
N GLU A 202 8.26 8.35 4.78
CA GLU A 202 9.07 8.76 3.64
C GLU A 202 9.76 7.57 2.95
N THR A 203 9.57 6.35 3.43
CA THR A 203 10.33 5.22 2.89
C THR A 203 9.84 4.87 1.48
N ASN A 204 10.76 4.78 0.51
CA ASN A 204 10.38 4.54 -0.88
C ASN A 204 10.86 3.17 -1.40
N VAL A 205 11.32 2.30 -0.51
CA VAL A 205 11.71 0.95 -0.90
C VAL A 205 10.72 -0.05 -0.29
N TYR A 206 10.63 -1.21 -0.92
CA TYR A 206 9.87 -2.34 -0.39
C TYR A 206 10.79 -3.31 0.33
N LEU A 207 10.35 -3.78 1.48
CA LEU A 207 11.09 -4.78 2.24
C LEU A 207 10.86 -6.17 1.64
N ILE A 208 11.94 -6.92 1.44
CA ILE A 208 11.83 -8.34 1.07
C ILE A 208 12.65 -9.15 2.08
N GLY A 209 11.94 -9.87 2.94
CA GLY A 209 12.57 -10.73 3.92
C GLY A 209 12.35 -12.20 3.69
N SER A 210 13.23 -13.01 4.26
CA SER A 210 13.00 -14.43 4.46
C SER A 210 13.10 -14.72 5.95
N THR A 211 12.25 -15.63 6.41
N THR A 211 12.20 -15.57 6.44
CA THR A 211 12.28 -16.10 7.79
CA THR A 211 12.26 -16.09 7.79
C THR A 211 11.95 -17.59 7.78
C THR A 211 12.00 -17.59 7.74
N PRO A 212 12.53 -18.36 8.68
CA PRO A 212 12.35 -19.82 8.62
C PRO A 212 10.90 -20.22 8.81
N GLY A 213 10.46 -21.21 8.05
CA GLY A 213 9.13 -21.76 8.26
C GLY A 213 8.59 -22.40 7.01
N ARG A 214 7.35 -22.87 7.12
N ARG A 214 7.35 -22.88 7.13
CA ARG A 214 6.62 -23.50 6.03
CA ARG A 214 6.63 -23.49 6.02
C ARG A 214 5.33 -22.71 5.84
C ARG A 214 5.34 -22.71 5.84
N PHE A 215 5.27 -21.93 4.76
CA PHE A 215 4.21 -20.94 4.56
C PHE A 215 3.22 -21.41 3.50
N GLN A 216 1.93 -21.44 3.88
CA GLN A 216 0.84 -21.82 3.00
C GLN A 216 -0.18 -20.70 2.90
N GLY A 217 -1.10 -20.84 1.96
CA GLY A 217 -2.18 -19.88 1.86
C GLY A 217 -1.66 -18.49 1.59
N SER A 218 -2.26 -17.51 2.26
CA SER A 218 -1.86 -16.12 2.06
C SER A 218 -0.43 -15.88 2.52
N GLN A 219 -0.02 -16.56 3.59
CA GLN A 219 1.33 -16.38 4.13
C GLN A 219 2.42 -16.72 3.12
N LYS A 220 2.09 -17.48 2.07
CA LYS A 220 3.06 -17.81 1.03
C LYS A 220 3.67 -16.54 0.44
N ASP A 221 2.88 -15.50 0.28
CA ASP A 221 3.39 -14.29 -0.35
C ASP A 221 4.20 -13.39 0.58
N ASN A 222 4.32 -13.76 1.86
CA ASN A 222 5.01 -12.89 2.81
C ASN A 222 6.53 -12.90 2.65
N TRP A 223 7.11 -13.99 2.14
CA TRP A 223 8.56 -14.17 2.27
C TRP A 223 9.20 -14.70 0.99
N GLY A 224 10.53 -14.53 0.91
CA GLY A 224 11.33 -15.23 -0.10
C GLY A 224 10.96 -14.84 -1.52
N HIS A 225 11.13 -15.79 -2.45
CA HIS A 225 10.91 -15.40 -3.83
C HIS A 225 9.44 -15.20 -4.14
N PHE A 226 8.53 -15.75 -3.33
CA PHE A 226 7.11 -15.46 -3.53
C PHE A 226 6.77 -14.03 -3.12
N ARG A 227 7.46 -13.50 -2.10
CA ARG A 227 7.31 -12.08 -1.76
C ARG A 227 7.73 -11.20 -2.93
N LEU A 228 8.88 -11.51 -3.54
CA LEU A 228 9.34 -10.75 -4.70
C LEU A 228 8.31 -10.82 -5.82
N LYS A 229 7.84 -12.03 -6.12
CA LYS A 229 6.86 -12.22 -7.18
C LYS A 229 5.61 -11.40 -6.92
N LYS A 230 5.14 -11.38 -5.67
CA LYS A 230 3.92 -10.65 -5.34
C LYS A 230 4.12 -9.15 -5.57
N LEU A 231 5.26 -8.61 -5.14
CA LEU A 231 5.53 -7.20 -5.31
C LEU A 231 5.63 -6.83 -6.80
N LEU A 232 6.29 -7.69 -7.58
CA LEU A 232 6.44 -7.42 -9.02
C LEU A 232 5.10 -7.49 -9.73
N LYS A 233 4.24 -8.43 -9.32
CA LYS A 233 2.92 -8.52 -9.93
C LYS A 233 2.08 -7.30 -9.58
N ASP A 234 2.17 -6.82 -8.33
CA ASP A 234 1.32 -5.73 -7.86
C ASP A 234 1.84 -4.35 -8.26
N HIS A 235 3.16 -4.15 -8.34
CA HIS A 235 3.70 -2.80 -8.41
C HIS A 235 4.65 -2.58 -9.57
N ALA A 236 4.77 -3.53 -10.48
CA ALA A 236 5.49 -3.34 -11.72
C ALA A 236 4.55 -3.63 -12.89
N SER A 237 4.87 -3.08 -14.05
CA SER A 237 4.07 -3.32 -15.24
C SER A 237 4.90 -4.10 -16.25
N SER A 238 4.22 -4.94 -17.03
CA SER A 238 4.95 -5.61 -18.08
C SER A 238 5.06 -4.68 -19.28
N MET A 239 6.01 -4.97 -20.15
CA MET A 239 6.24 -4.18 -21.34
C MET A 239 6.26 -5.11 -22.55
N PRO A 240 6.06 -4.57 -23.75
CA PRO A 240 6.25 -5.40 -24.95
C PRO A 240 7.67 -5.95 -24.96
N ASN A 241 7.82 -7.12 -25.54
CA ASN A 241 9.14 -7.74 -25.65
C ASN A 241 9.74 -8.03 -24.27
N ALA A 242 8.88 -8.15 -23.26
CA ALA A 242 9.35 -8.44 -21.89
C ALA A 242 10.22 -9.67 -21.84
N GLU A 243 9.93 -10.67 -22.68
CA GLU A 243 10.74 -11.88 -22.72
C GLU A 243 12.19 -11.61 -23.14
N SER A 244 12.46 -10.42 -23.67
CA SER A 244 13.82 -10.04 -24.04
C SER A 244 14.58 -9.35 -22.93
N TRP A 245 13.90 -8.98 -21.84
CA TRP A 245 14.57 -8.34 -20.71
C TRP A 245 15.20 -9.42 -19.84
N PRO A 246 16.52 -9.46 -19.76
CA PRO A 246 17.19 -10.49 -18.94
C PRO A 246 16.89 -10.35 -17.46
N VAL A 247 17.22 -11.41 -16.72
CA VAL A 247 17.30 -11.41 -15.26
C VAL A 247 18.78 -11.54 -14.92
N VAL A 248 19.24 -10.75 -13.94
CA VAL A 248 20.62 -10.79 -13.47
C VAL A 248 20.60 -11.10 -11.97
N GLY A 249 21.36 -12.10 -11.56
CA GLY A 249 21.54 -12.39 -10.14
C GLY A 249 23.02 -12.42 -9.83
N GLN A 250 23.37 -11.94 -8.63
CA GLN A 250 24.76 -11.66 -8.30
C GLN A 250 24.94 -11.90 -6.79
N PHE A 251 25.90 -12.75 -6.43
CA PHE A 251 25.88 -13.32 -5.08
C PHE A 251 27.29 -13.78 -4.73
N SER A 252 27.46 -14.17 -3.46
CA SER A 252 28.77 -14.60 -2.96
C SER A 252 28.77 -16.05 -2.49
N SER A 253 27.64 -16.74 -2.52
CA SER A 253 27.58 -18.11 -2.03
C SER A 253 26.53 -18.85 -2.85
N VAL A 254 26.72 -20.15 -3.02
CA VAL A 254 25.90 -20.96 -3.92
C VAL A 254 25.49 -22.22 -3.18
N GLY A 255 24.18 -22.48 -3.09
CA GLY A 255 23.69 -23.68 -2.46
C GLY A 255 23.47 -24.79 -3.47
N SER A 256 23.03 -25.94 -2.96
N SER A 256 23.03 -25.94 -2.96
CA SER A 256 22.70 -27.08 -3.81
CA SER A 256 22.70 -27.08 -3.80
C SER A 256 21.36 -26.83 -4.49
C SER A 256 21.37 -26.82 -4.48
N LEU A 257 21.38 -26.68 -5.81
CA LEU A 257 20.18 -26.32 -6.55
C LEU A 257 19.51 -27.51 -7.22
N GLY A 258 20.13 -28.68 -7.23
CA GLY A 258 19.54 -29.87 -7.83
C GLY A 258 20.31 -30.34 -9.06
N ALA A 259 19.82 -31.46 -9.60
CA ALA A 259 20.55 -32.17 -10.66
C ALA A 259 20.49 -31.46 -12.01
N ASP A 260 19.56 -30.52 -12.20
CA ASP A 260 19.47 -29.79 -13.46
C ASP A 260 18.70 -28.50 -13.21
N GLU A 261 18.66 -27.65 -14.23
CA GLU A 261 18.08 -26.32 -14.05
C GLU A 261 16.57 -26.36 -13.82
N SER A 262 15.89 -27.44 -14.20
CA SER A 262 14.44 -27.47 -14.06
C SER A 262 13.99 -27.75 -12.63
N LYS A 263 14.87 -28.23 -11.76
CA LYS A 263 14.42 -28.63 -10.43
C LYS A 263 14.15 -27.42 -9.53
N TRP A 264 14.81 -26.28 -9.77
CA TRP A 264 14.53 -25.09 -8.96
C TRP A 264 14.91 -23.80 -9.67
N LEU A 265 16.11 -23.74 -10.23
CA LEU A 265 16.65 -22.46 -10.72
C LEU A 265 15.76 -21.86 -11.80
N CYS A 266 15.46 -22.65 -12.81
CA CYS A 266 14.76 -22.17 -13.98
C CYS A 266 13.28 -22.48 -13.93
N SER A 267 12.83 -23.20 -12.91
CA SER A 267 11.40 -23.39 -12.71
C SER A 267 10.91 -22.27 -11.80
N GLU A 268 10.88 -22.50 -10.47
CA GLU A 268 10.19 -21.55 -9.60
C GLU A 268 10.99 -20.26 -9.38
N PHE A 269 12.32 -20.35 -9.25
CA PHE A 269 13.11 -19.15 -8.95
C PHE A 269 13.09 -18.16 -10.11
N LYS A 270 13.47 -18.62 -11.30
CA LYS A 270 13.45 -17.74 -12.45
C LYS A 270 12.03 -17.22 -12.70
N GLU A 271 11.02 -18.07 -12.50
CA GLU A 271 9.64 -17.67 -12.74
C GLU A 271 9.21 -16.52 -11.83
N SER A 272 9.62 -16.55 -10.54
CA SER A 272 9.29 -15.39 -9.71
C SER A 272 10.05 -14.17 -10.17
N MET A 273 11.34 -14.33 -10.51
CA MET A 273 12.17 -13.22 -10.96
C MET A 273 11.70 -12.58 -12.25
N LEU A 274 11.02 -13.35 -13.12
N LEU A 274 11.02 -13.32 -13.12
CA LEU A 274 10.51 -12.88 -14.40
CA LEU A 274 10.58 -12.74 -14.40
C LEU A 274 9.26 -12.04 -14.27
C LEU A 274 9.16 -12.18 -14.33
N THR A 275 8.53 -12.16 -13.16
CA THR A 275 7.19 -11.60 -13.05
C THR A 275 7.18 -10.08 -13.27
N LEU A 276 6.18 -9.61 -14.00
CA LEU A 276 5.94 -8.18 -14.17
C LEU A 276 4.45 -7.97 -14.40
N GLY A 277 3.78 -7.36 -13.44
CA GLY A 277 2.37 -7.05 -13.61
C GLY A 277 1.47 -8.24 -13.38
N LYS A 278 0.17 -7.98 -13.54
CA LYS A 278 -0.85 -8.94 -13.15
C LYS A 278 -1.23 -9.90 -14.27
N GLU A 279 -0.86 -9.61 -15.51
CA GLU A 279 -1.21 -10.46 -16.63
C GLU A 279 -0.25 -11.64 -16.72
N SER A 280 -0.74 -12.74 -17.29
CA SER A 280 0.04 -13.96 -17.41
C SER A 280 0.38 -14.27 -18.87
N SER A 286 9.92 -20.24 -21.37
CA SER A 286 10.38 -18.85 -21.33
C SER A 286 11.80 -18.72 -21.84
N SER A 287 12.02 -17.78 -22.77
CA SER A 287 13.34 -17.55 -23.36
C SER A 287 14.08 -16.40 -22.71
N VAL A 288 13.72 -16.02 -21.49
CA VAL A 288 14.37 -14.88 -20.84
C VAL A 288 15.81 -15.26 -20.49
N PRO A 289 16.80 -14.49 -20.92
CA PRO A 289 18.18 -14.82 -20.56
C PRO A 289 18.40 -14.64 -19.07
N LEU A 290 19.13 -15.58 -18.47
CA LEU A 290 19.49 -15.50 -17.06
C LEU A 290 21.00 -15.38 -16.94
N TYR A 291 21.47 -14.25 -16.39
CA TYR A 291 22.88 -14.01 -16.14
C TYR A 291 23.14 -14.16 -14.64
N LEU A 292 24.05 -15.05 -14.26
CA LEU A 292 24.49 -15.17 -12.88
C LEU A 292 25.93 -14.70 -12.77
N ILE A 293 26.19 -13.83 -11.80
CA ILE A 293 27.50 -13.20 -11.63
C ILE A 293 28.13 -13.74 -10.35
N TYR A 294 29.28 -14.40 -10.49
CA TYR A 294 29.94 -15.03 -9.35
C TYR A 294 31.42 -15.08 -9.65
N PRO A 295 32.29 -14.68 -8.72
CA PRO A 295 33.74 -14.58 -9.02
C PRO A 295 34.34 -15.88 -9.53
N SER A 296 35.14 -15.76 -10.58
CA SER A 296 35.98 -16.83 -11.06
C SER A 296 37.22 -16.99 -10.16
N VAL A 297 37.94 -18.09 -10.34
CA VAL A 297 39.21 -18.26 -9.63
C VAL A 297 40.16 -17.10 -9.94
N GLU A 298 40.23 -16.70 -11.22
N GLU A 298 40.23 -16.70 -11.22
CA GLU A 298 41.12 -15.61 -11.60
CA GLU A 298 41.12 -15.61 -11.59
C GLU A 298 40.68 -14.28 -10.97
C GLU A 298 40.68 -14.28 -10.98
N ASN A 299 39.37 -14.03 -10.91
CA ASN A 299 38.86 -12.86 -10.20
C ASN A 299 39.43 -12.80 -8.79
N VAL A 300 39.42 -13.94 -8.10
CA VAL A 300 39.84 -13.97 -6.71
C VAL A 300 41.36 -13.82 -6.61
N ARG A 301 42.09 -14.56 -7.47
CA ARG A 301 43.56 -14.55 -7.38
C ARG A 301 44.11 -13.15 -7.56
N THR A 302 43.57 -12.40 -8.52
CA THR A 302 44.07 -11.07 -8.85
C THR A 302 43.40 -9.96 -8.04
N SER A 303 42.62 -10.31 -7.03
CA SER A 303 41.89 -9.32 -6.26
C SER A 303 42.80 -8.60 -5.25
N LEU A 304 42.27 -7.51 -4.67
CA LEU A 304 43.03 -6.76 -3.67
C LEU A 304 43.48 -7.67 -2.52
N GLU A 305 42.60 -8.57 -2.08
CA GLU A 305 42.92 -9.47 -0.98
C GLU A 305 43.70 -10.70 -1.41
N GLY A 306 43.65 -11.04 -2.71
CA GLY A 306 44.20 -12.31 -3.17
C GLY A 306 43.29 -13.47 -2.77
N TYR A 307 43.86 -14.67 -2.75
CA TYR A 307 43.07 -15.85 -2.42
C TYR A 307 42.27 -15.74 -1.13
N PRO A 308 42.75 -15.09 -0.03
CA PRO A 308 41.92 -14.97 1.17
C PRO A 308 40.54 -14.36 0.91
N ALA A 309 40.36 -13.58 -0.17
CA ALA A 309 39.00 -13.12 -0.49
C ALA A 309 38.05 -14.30 -0.66
N GLY A 310 38.58 -15.43 -1.13
CA GLY A 310 37.79 -16.64 -1.29
C GLY A 310 37.33 -17.26 0.00
N GLY A 311 37.91 -16.87 1.14
CA GLY A 311 37.34 -17.26 2.43
C GLY A 311 35.93 -16.75 2.66
N SER A 312 35.54 -15.68 1.97
CA SER A 312 34.19 -15.12 2.07
C SER A 312 33.36 -15.37 0.82
N LEU A 313 33.73 -16.36 0.01
CA LEU A 313 32.96 -16.77 -1.17
C LEU A 313 32.68 -18.26 -0.98
N PRO A 314 31.69 -18.61 -0.12
CA PRO A 314 31.55 -20.02 0.28
C PRO A 314 30.78 -20.82 -0.76
N TYR A 315 31.53 -21.59 -1.53
CA TYR A 315 30.99 -22.53 -2.50
C TYR A 315 31.87 -23.77 -2.38
N SER A 316 31.33 -24.83 -1.82
CA SER A 316 32.13 -26.02 -1.54
C SER A 316 32.20 -26.93 -2.77
N ILE A 317 33.27 -27.71 -2.85
CA ILE A 317 33.41 -28.65 -3.97
C ILE A 317 32.31 -29.70 -3.92
N GLN A 318 31.86 -30.09 -2.73
CA GLN A 318 30.81 -31.10 -2.62
C GLN A 318 29.51 -30.60 -3.23
N THR A 319 29.22 -29.32 -3.08
CA THR A 319 28.04 -28.73 -3.72
C THR A 319 28.24 -28.61 -5.23
N ALA A 320 29.41 -28.12 -5.64
CA ALA A 320 29.61 -27.75 -7.04
C ALA A 320 29.66 -28.98 -7.95
N GLU A 321 30.31 -30.06 -7.51
CA GLU A 321 30.48 -31.22 -8.40
C GLU A 321 29.16 -31.91 -8.71
N LYS A 322 28.09 -31.58 -8.00
CA LYS A 322 26.77 -32.14 -8.27
C LYS A 322 25.95 -31.27 -9.22
N GLN A 323 26.47 -30.13 -9.64
CA GLN A 323 25.67 -29.22 -10.47
C GLN A 323 26.55 -28.46 -11.46
N ASN A 324 27.42 -29.18 -12.17
CA ASN A 324 28.27 -28.52 -13.15
C ASN A 324 27.44 -27.82 -14.23
N TRP A 325 26.20 -28.30 -14.49
CA TRP A 325 25.30 -27.60 -15.40
C TRP A 325 25.17 -26.12 -15.04
N LEU A 326 25.25 -25.78 -13.75
CA LEU A 326 25.00 -24.41 -13.31
C LEU A 326 26.06 -23.44 -13.83
N HIS A 327 27.30 -23.90 -14.00
CA HIS A 327 28.40 -22.97 -14.24
C HIS A 327 28.36 -22.38 -15.64
N SER A 328 27.57 -22.98 -16.56
N SER A 328 27.58 -22.98 -16.55
CA SER A 328 27.36 -22.38 -17.86
CA SER A 328 27.39 -22.36 -17.86
C SER A 328 26.50 -21.13 -17.81
C SER A 328 26.64 -21.02 -17.76
N TYR A 329 25.97 -20.77 -16.63
CA TYR A 329 25.27 -19.51 -16.42
C TYR A 329 26.16 -18.42 -15.84
N PHE A 330 27.41 -18.75 -15.49
CA PHE A 330 28.22 -17.89 -14.64
C PHE A 330 29.00 -16.86 -15.46
N HIS A 331 29.02 -15.64 -14.96
CA HIS A 331 29.71 -14.50 -15.55
C HIS A 331 30.69 -13.92 -14.54
N LYS A 332 31.81 -13.41 -15.05
CA LYS A 332 32.87 -12.86 -14.21
C LYS A 332 32.39 -11.63 -13.44
N TRP A 333 33.05 -11.37 -12.32
CA TRP A 333 32.85 -10.11 -11.62
C TRP A 333 33.64 -9.01 -12.31
N SER A 334 32.98 -7.91 -12.64
CA SER A 334 33.65 -6.77 -13.24
C SER A 334 32.93 -5.50 -12.80
N ALA A 335 33.69 -4.52 -12.33
CA ALA A 335 33.07 -3.34 -11.72
C ALA A 335 33.90 -2.09 -11.99
N GLU A 336 34.36 -1.92 -13.24
CA GLU A 336 35.06 -0.69 -13.60
C GLU A 336 34.22 0.54 -13.31
N THR A 337 32.90 0.41 -13.45
CA THR A 337 32.00 1.54 -13.20
C THR A 337 32.20 2.14 -11.81
N SER A 338 32.53 1.31 -10.82
CA SER A 338 32.77 1.78 -9.46
C SER A 338 34.20 1.58 -9.01
N GLY A 339 35.11 1.29 -9.93
CA GLY A 339 36.52 1.08 -9.59
C GLY A 339 36.75 -0.13 -8.72
N ARG A 340 35.87 -1.13 -8.79
CA ARG A 340 35.87 -2.22 -7.82
C ARG A 340 36.02 -3.60 -8.46
N SER A 341 36.60 -3.68 -9.66
CA SER A 341 36.81 -4.99 -10.28
C SER A 341 37.68 -5.88 -9.41
N ASN A 342 38.59 -5.31 -8.63
CA ASN A 342 39.47 -6.11 -7.78
C ASN A 342 39.01 -6.15 -6.33
N ALA A 343 37.80 -5.68 -6.04
CA ALA A 343 37.25 -5.72 -4.69
C ALA A 343 36.14 -6.76 -4.72
N MET A 344 36.44 -7.96 -4.21
CA MET A 344 35.54 -9.08 -4.45
C MET A 344 34.17 -8.81 -3.83
N PRO A 345 33.10 -9.27 -4.47
CA PRO A 345 31.74 -8.94 -4.00
C PRO A 345 31.32 -9.81 -2.82
N HIS A 346 30.82 -9.15 -1.78
CA HIS A 346 30.03 -9.81 -0.77
C HIS A 346 28.61 -9.24 -0.76
N ILE A 347 28.37 -8.18 -1.52
CA ILE A 347 27.02 -7.72 -1.83
C ILE A 347 26.28 -8.82 -2.61
N LYS A 348 24.94 -8.83 -2.48
CA LYS A 348 24.08 -9.65 -3.33
C LYS A 348 23.07 -8.72 -3.98
N THR A 349 22.87 -8.87 -5.29
CA THR A 349 21.93 -8.04 -6.02
C THR A 349 21.19 -8.86 -7.07
N TYR A 350 19.97 -8.43 -7.37
CA TYR A 350 19.14 -9.03 -8.40
C TYR A 350 18.46 -7.88 -9.12
N MET A 351 18.35 -7.97 -10.45
CA MET A 351 17.73 -6.87 -11.18
C MET A 351 17.24 -7.37 -12.54
N ARG A 352 16.49 -6.50 -13.22
CA ARG A 352 15.83 -6.82 -14.48
C ARG A 352 16.17 -5.75 -15.53
N PRO A 353 17.33 -5.87 -16.19
CA PRO A 353 17.69 -4.89 -17.23
C PRO A 353 16.92 -5.08 -18.52
N SER A 354 16.90 -4.02 -19.31
CA SER A 354 16.40 -4.04 -20.67
C SER A 354 17.37 -4.81 -21.56
N PRO A 355 16.96 -5.18 -22.78
CA PRO A 355 17.82 -5.99 -23.65
C PRO A 355 19.17 -5.37 -23.95
N ASP A 356 19.27 -4.04 -23.98
CA ASP A 356 20.55 -3.38 -24.19
C ASP A 356 21.18 -2.90 -22.88
N PHE A 357 20.63 -3.30 -21.74
CA PHE A 357 21.17 -3.03 -20.40
C PHE A 357 21.22 -1.52 -20.07
N SER A 358 20.44 -0.71 -20.77
CA SER A 358 20.46 0.74 -20.55
C SER A 358 19.45 1.17 -19.51
N LYS A 359 18.50 0.31 -19.20
CA LYS A 359 17.44 0.58 -18.24
C LYS A 359 17.25 -0.66 -17.39
N ILE A 360 16.61 -0.50 -16.23
CA ILE A 360 16.23 -1.64 -15.41
C ILE A 360 14.80 -1.45 -14.92
N ALA A 361 14.07 -2.57 -14.84
CA ALA A 361 12.70 -2.56 -14.36
C ALA A 361 12.59 -2.60 -12.84
N TRP A 362 13.67 -3.00 -12.14
CA TRP A 362 13.74 -3.02 -10.68
C TRP A 362 15.15 -3.45 -10.28
N PHE A 363 15.48 -3.22 -9.00
CA PHE A 363 16.79 -3.56 -8.44
C PHE A 363 16.60 -3.97 -6.99
N LEU A 364 17.24 -5.07 -6.58
CA LEU A 364 17.14 -5.56 -5.21
C LEU A 364 18.54 -5.70 -4.66
N VAL A 365 18.78 -5.19 -3.45
CA VAL A 365 20.00 -5.50 -2.72
C VAL A 365 19.60 -6.26 -1.47
N THR A 366 20.33 -7.32 -1.15
CA THR A 366 19.84 -8.26 -0.15
C THR A 366 21.01 -9.04 0.42
N SER A 367 20.72 -9.79 1.49
CA SER A 367 21.63 -10.79 2.01
C SER A 367 21.48 -12.13 1.30
N ALA A 368 20.43 -12.31 0.49
CA ALA A 368 20.07 -13.65 0.00
C ALA A 368 21.03 -14.10 -1.11
N ASN A 369 21.68 -15.23 -0.89
CA ASN A 369 22.54 -15.85 -1.90
C ASN A 369 21.72 -16.73 -2.84
N LEU A 370 22.41 -17.42 -3.76
CA LEU A 370 21.70 -18.26 -4.72
C LEU A 370 21.52 -19.63 -4.07
N SER A 371 20.51 -19.71 -3.19
CA SER A 371 20.23 -20.97 -2.52
C SER A 371 18.74 -21.08 -2.25
N LYS A 372 18.27 -22.32 -2.23
CA LYS A 372 16.91 -22.60 -1.76
C LYS A 372 16.72 -22.19 -0.29
N ALA A 373 17.76 -22.32 0.55
CA ALA A 373 17.61 -21.95 1.96
C ALA A 373 17.23 -20.50 2.12
N ALA A 374 17.78 -19.63 1.26
CA ALA A 374 17.62 -18.19 1.34
C ALA A 374 16.32 -17.72 0.70
N TRP A 375 15.97 -18.29 -0.44
CA TRP A 375 14.85 -17.82 -1.25
C TRP A 375 13.58 -18.62 -1.05
N GLY A 376 13.68 -19.85 -0.56
CA GLY A 376 12.51 -20.69 -0.42
C GLY A 376 12.40 -21.74 -1.52
N ALA A 377 11.90 -22.91 -1.15
CA ALA A 377 11.63 -23.97 -2.10
C ALA A 377 10.20 -24.45 -1.90
N LEU A 378 9.46 -24.61 -2.99
CA LEU A 378 8.08 -25.06 -2.91
C LEU A 378 8.02 -26.51 -2.46
N GLU A 379 7.05 -26.81 -1.61
CA GLU A 379 6.80 -28.16 -1.08
C GLU A 379 5.31 -28.43 -1.13
N LYS A 380 4.96 -29.69 -0.89
CA LYS A 380 3.57 -30.11 -0.77
C LYS A 380 2.77 -29.75 -2.03
N ASN A 381 3.23 -30.30 -3.15
CA ASN A 381 2.51 -30.16 -4.41
C ASN A 381 2.36 -28.68 -4.79
N GLY A 382 3.38 -27.90 -4.49
CA GLY A 382 3.40 -26.49 -4.87
C GLY A 382 2.59 -25.56 -3.98
N THR A 383 2.10 -26.04 -2.84
CA THR A 383 1.19 -25.24 -2.02
C THR A 383 1.88 -24.58 -0.83
N GLN A 384 3.12 -24.94 -0.54
CA GLN A 384 3.82 -24.48 0.65
C GLN A 384 5.22 -24.02 0.25
N LEU A 385 5.65 -22.88 0.76
CA LEU A 385 7.00 -22.39 0.52
C LEU A 385 7.82 -22.62 1.78
N MET A 386 8.88 -23.41 1.69
CA MET A 386 9.71 -23.70 2.85
C MET A 386 11.01 -22.91 2.77
N ILE A 387 11.31 -22.18 3.85
CA ILE A 387 12.48 -21.32 3.93
C ILE A 387 13.24 -21.72 5.18
N ARG A 388 14.57 -21.84 5.05
CA ARG A 388 15.39 -22.28 6.16
C ARG A 388 16.02 -21.13 6.94
N SER A 389 16.19 -19.96 6.33
CA SER A 389 17.12 -18.95 6.81
C SER A 389 16.41 -17.63 7.04
N TYR A 390 17.09 -16.72 7.77
CA TYR A 390 16.68 -15.32 7.81
C TYR A 390 17.49 -14.57 6.75
N GLU A 391 16.80 -13.77 5.94
CA GLU A 391 17.39 -12.93 4.92
C GLU A 391 16.63 -11.61 4.90
N LEU A 392 17.28 -10.56 4.43
CA LEU A 392 16.62 -9.25 4.31
C LEU A 392 17.25 -8.42 3.21
N GLY A 393 16.40 -7.78 2.42
CA GLY A 393 16.84 -6.89 1.37
C GLY A 393 15.80 -5.82 1.12
N VAL A 394 16.15 -4.85 0.27
CA VAL A 394 15.20 -3.80 -0.11
C VAL A 394 15.12 -3.74 -1.63
N LEU A 395 13.89 -3.54 -2.12
CA LEU A 395 13.59 -3.55 -3.55
C LEU A 395 13.26 -2.13 -4.00
N PHE A 396 13.95 -1.69 -5.05
CA PHE A 396 13.70 -0.41 -5.69
C PHE A 396 12.82 -0.65 -6.91
N LEU A 397 11.58 -0.12 -6.89
CA LEU A 397 10.67 -0.23 -8.03
C LEU A 397 10.41 1.15 -8.64
N PRO A 398 10.48 1.29 -9.97
CA PRO A 398 10.26 2.60 -10.59
C PRO A 398 8.97 3.28 -10.15
N SER A 399 7.89 2.51 -9.99
CA SER A 399 6.61 3.09 -9.57
C SER A 399 6.70 3.79 -8.23
N ALA A 400 7.56 3.30 -7.33
CA ALA A 400 7.73 3.94 -6.02
C ALA A 400 8.44 5.28 -6.13
N PHE A 401 8.94 5.63 -7.31
CA PHE A 401 9.61 6.90 -7.54
C PHE A 401 8.92 7.71 -8.63
N GLY A 402 7.71 7.33 -9.03
CA GLY A 402 7.02 8.05 -10.09
C GLY A 402 7.56 7.80 -11.47
N LEU A 403 8.17 6.63 -11.70
CA LEU A 403 8.85 6.34 -12.94
C LEU A 403 8.35 5.01 -13.52
N ASP A 404 8.59 4.83 -14.83
CA ASP A 404 8.27 3.59 -15.51
C ASP A 404 9.44 2.64 -15.54
N SER A 405 10.66 3.19 -15.53
CA SER A 405 11.87 2.39 -15.43
C SER A 405 12.96 3.30 -14.87
N PHE A 406 14.07 2.69 -14.47
CA PHE A 406 15.28 3.42 -14.10
C PHE A 406 16.28 3.37 -15.24
N LYS A 407 16.88 4.52 -15.54
N LYS A 407 16.85 4.54 -15.58
CA LYS A 407 18.07 4.54 -16.39
CA LYS A 407 18.06 4.54 -16.37
C LYS A 407 19.27 4.10 -15.59
C LYS A 407 19.20 3.95 -15.55
N VAL A 408 20.14 3.32 -16.22
CA VAL A 408 21.33 2.79 -15.55
C VAL A 408 22.41 3.86 -15.54
N LYS A 409 22.96 4.14 -14.36
CA LYS A 409 24.04 5.10 -14.24
C LYS A 409 25.30 4.54 -14.91
N GLN A 410 25.89 5.33 -15.82
CA GLN A 410 27.00 4.82 -16.61
C GLN A 410 28.28 4.71 -15.78
N LYS A 411 28.53 5.68 -14.91
CA LYS A 411 29.63 5.62 -13.95
C LYS A 411 29.06 5.81 -12.56
N PHE A 412 29.34 4.83 -11.68
CA PHE A 412 28.62 4.71 -10.41
C PHE A 412 28.74 5.98 -9.57
N PHE A 413 29.94 6.56 -9.51
CA PHE A 413 30.22 7.73 -8.68
C PHE A 413 30.15 9.03 -9.46
N ALA A 414 29.72 9.00 -10.72
CA ALA A 414 29.68 10.20 -11.54
C ALA A 414 28.24 10.64 -11.81
N PRO A 419 20.83 13.79 -14.99
CA PRO A 419 19.74 13.61 -14.03
C PRO A 419 20.10 12.67 -12.89
N MET A 420 19.17 12.55 -11.92
CA MET A 420 19.38 11.70 -10.76
C MET A 420 18.28 10.66 -10.57
N ALA A 421 17.33 10.57 -11.52
CA ALA A 421 16.43 9.41 -11.66
C ALA A 421 17.16 8.27 -12.35
N THR A 422 18.46 8.19 -12.08
CA THR A 422 19.37 7.26 -12.72
C THR A 422 19.91 6.34 -11.63
N PHE A 423 19.74 5.00 -11.82
CA PHE A 423 20.03 4.13 -10.68
C PHE A 423 21.50 3.71 -10.67
N PRO A 424 22.18 3.77 -9.51
CA PRO A 424 23.61 3.43 -9.46
C PRO A 424 23.87 1.94 -9.35
N VAL A 425 23.87 1.26 -10.49
CA VAL A 425 24.24 -0.15 -10.57
C VAL A 425 25.75 -0.23 -10.31
N PRO A 426 26.20 -1.03 -9.33
CA PRO A 426 27.61 -0.96 -8.89
C PRO A 426 28.60 -1.81 -9.67
N TYR A 427 28.17 -2.59 -10.65
CA TYR A 427 29.08 -3.37 -11.47
C TYR A 427 28.70 -3.22 -12.95
N ASP A 428 29.55 -3.79 -13.81
CA ASP A 428 29.50 -3.50 -15.23
C ASP A 428 28.44 -4.33 -15.94
N LEU A 429 27.77 -3.72 -16.92
CA LEU A 429 26.83 -4.35 -17.83
C LEU A 429 27.28 -4.16 -19.27
N PRO A 430 27.05 -5.15 -20.15
CA PRO A 430 26.54 -6.49 -19.85
C PRO A 430 27.58 -7.32 -19.10
N PRO A 431 27.15 -8.29 -18.30
CA PRO A 431 28.13 -9.16 -17.63
C PRO A 431 28.85 -10.00 -18.66
N GLU A 432 30.08 -10.39 -18.33
CA GLU A 432 30.95 -11.11 -19.27
C GLU A 432 30.95 -12.59 -18.91
N LEU A 433 30.60 -13.44 -19.87
CA LEU A 433 30.64 -14.88 -19.62
C LEU A 433 32.04 -15.35 -19.24
N TYR A 434 32.12 -16.35 -18.35
CA TYR A 434 33.39 -17.04 -18.11
C TYR A 434 34.01 -17.47 -19.43
N GLY A 435 35.34 -17.42 -19.49
CA GLY A 435 36.05 -18.03 -20.60
C GLY A 435 36.15 -19.53 -20.43
N SER A 436 36.63 -20.21 -21.47
CA SER A 436 36.69 -21.67 -21.41
C SER A 436 37.67 -22.16 -20.35
N LYS A 437 38.64 -21.33 -19.96
CA LYS A 437 39.60 -21.71 -18.94
C LYS A 437 39.21 -21.18 -17.57
N ASP A 438 38.14 -20.41 -17.47
CA ASP A 438 37.73 -19.94 -16.15
C ASP A 438 37.01 -21.05 -15.40
N ARG A 439 37.03 -20.93 -14.06
CA ARG A 439 36.33 -21.86 -13.18
C ARG A 439 35.69 -21.04 -12.06
N PRO A 440 34.56 -21.47 -11.54
CA PRO A 440 33.97 -20.74 -10.41
C PRO A 440 34.87 -20.89 -9.20
N TRP A 441 34.94 -19.84 -8.39
CA TRP A 441 35.69 -19.96 -7.14
C TRP A 441 35.06 -21.01 -6.25
N ILE A 442 35.85 -22.01 -5.86
CA ILE A 442 35.43 -23.06 -4.95
C ILE A 442 36.38 -23.01 -3.77
N TRP A 443 35.84 -22.79 -2.56
CA TRP A 443 36.66 -22.29 -1.46
C TRP A 443 37.44 -23.37 -0.72
N ASN A 444 37.10 -24.65 -0.89
CA ASN A 444 37.77 -25.70 -0.12
C ASN A 444 38.55 -26.68 -1.00
N ILE A 445 39.12 -26.20 -2.11
CA ILE A 445 40.10 -26.97 -2.88
C ILE A 445 41.34 -26.09 -3.08
N PRO A 446 42.52 -26.67 -3.27
CA PRO A 446 43.72 -25.84 -3.37
C PRO A 446 43.89 -25.21 -4.75
N TYR A 447 44.56 -24.05 -4.75
CA TYR A 447 44.97 -23.37 -5.98
C TYR A 447 46.47 -23.09 -5.87
N VAL A 448 47.27 -23.80 -6.67
CA VAL A 448 48.71 -23.78 -6.49
C VAL A 448 49.43 -23.53 -7.81
N LYS A 449 48.67 -23.16 -8.84
CA LYS A 449 49.26 -22.94 -10.17
C LYS A 449 49.86 -21.55 -10.33
N ALA A 450 49.27 -20.55 -9.68
CA ALA A 450 49.73 -19.18 -9.87
C ALA A 450 49.48 -18.40 -8.59
N PRO A 451 50.43 -17.58 -8.17
CA PRO A 451 50.29 -16.86 -6.90
C PRO A 451 49.34 -15.68 -6.99
N ASP A 452 48.83 -15.28 -5.83
CA ASP A 452 47.89 -14.17 -5.76
C ASP A 452 48.66 -12.85 -5.62
N THR A 453 47.93 -11.76 -5.42
CA THR A 453 48.50 -10.41 -5.36
C THR A 453 49.40 -10.19 -4.16
N HIS A 454 49.38 -11.09 -3.17
CA HIS A 454 50.28 -11.02 -2.02
C HIS A 454 51.41 -12.04 -2.09
N GLY A 455 51.49 -12.80 -3.17
CA GLY A 455 52.54 -13.78 -3.38
C GLY A 455 52.24 -15.18 -2.89
N ASN A 456 51.00 -15.49 -2.55
CA ASN A 456 50.65 -16.72 -1.86
C ASN A 456 49.79 -17.64 -2.72
N MET A 457 49.80 -18.92 -2.35
N MET A 457 49.78 -18.91 -2.34
CA MET A 457 48.88 -19.90 -2.91
CA MET A 457 48.87 -19.89 -2.90
C MET A 457 47.70 -20.09 -1.95
C MET A 457 47.67 -20.05 -1.97
N TRP A 458 46.79 -20.99 -2.32
CA TRP A 458 45.62 -21.30 -1.50
C TRP A 458 45.63 -22.79 -1.22
N VAL A 459 45.78 -23.15 0.06
CA VAL A 459 45.77 -24.55 0.48
C VAL A 459 44.87 -24.69 1.70
N PRO A 460 43.59 -25.01 1.54
CA PRO A 460 42.61 -25.13 2.63
C PRO A 460 42.97 -26.20 3.67
N ASN B 15 -9.71 16.88 14.68
CA ASN B 15 -10.02 15.63 13.99
C ASN B 15 -9.02 15.34 12.87
N PRO B 16 -8.67 14.06 12.70
CA PRO B 16 -7.92 13.66 11.50
C PRO B 16 -8.82 13.22 10.36
N PHE B 17 -10.12 13.09 10.63
CA PHE B 17 -10.96 12.36 9.68
C PHE B 17 -11.47 13.24 8.55
N GLN B 18 -11.66 14.53 8.80
CA GLN B 18 -12.13 15.47 7.78
C GLN B 18 -13.43 14.95 7.15
N PHE B 19 -14.32 14.47 8.01
CA PHE B 19 -15.65 14.03 7.63
C PHE B 19 -16.64 15.08 8.14
N TYR B 20 -17.43 15.63 7.24
CA TYR B 20 -18.33 16.73 7.57
C TYR B 20 -19.75 16.40 7.12
N LEU B 21 -20.71 17.04 7.76
CA LEU B 21 -22.08 17.07 7.25
C LEU B 21 -22.34 18.41 6.56
N THR B 22 -23.28 18.41 5.62
CA THR B 22 -23.72 19.67 5.04
C THR B 22 -24.55 20.48 6.03
N ARG B 23 -24.54 21.80 5.85
CA ARG B 23 -25.37 22.68 6.65
C ARG B 23 -26.85 22.38 6.44
N VAL B 24 -27.63 22.44 7.52
CA VAL B 24 -29.07 22.20 7.49
C VAL B 24 -29.80 23.47 7.91
N SER B 25 -30.65 23.98 7.02
N SER B 25 -30.65 23.98 7.02
CA SER B 25 -31.46 25.15 7.33
CA SER B 25 -31.45 25.15 7.34
C SER B 25 -32.63 24.74 8.22
C SER B 25 -32.64 24.75 8.22
N GLY B 26 -32.83 25.49 9.30
CA GLY B 26 -33.93 25.23 10.20
C GLY B 26 -33.59 24.45 11.44
N VAL B 27 -32.32 24.14 11.66
CA VAL B 27 -31.88 23.62 12.95
C VAL B 27 -31.10 24.71 13.67
N LYS B 28 -31.01 24.57 14.99
CA LYS B 28 -30.28 25.55 15.80
C LYS B 28 -28.82 25.64 15.33
N PRO B 29 -28.20 26.81 15.46
CA PRO B 29 -26.83 26.99 14.93
C PRO B 29 -25.82 26.02 15.50
N LYS B 30 -26.01 25.56 16.74
CA LYS B 30 -25.08 24.63 17.35
C LYS B 30 -24.93 23.36 16.51
N TYR B 31 -25.97 22.97 15.78
CA TYR B 31 -25.92 21.80 14.92
C TYR B 31 -25.36 22.08 13.54
N ASN B 32 -24.99 23.33 13.26
CA ASN B 32 -24.29 23.65 12.01
C ASN B 32 -22.86 24.10 12.25
N SER B 33 -22.43 24.21 13.49
CA SER B 33 -21.02 24.50 13.78
C SER B 33 -20.18 23.30 13.35
N GLY B 34 -19.30 23.51 12.40
CA GLY B 34 -18.56 22.41 11.84
C GLY B 34 -19.23 21.72 10.66
N ALA B 35 -20.42 22.14 10.27
CA ALA B 35 -21.02 21.73 9.01
C ALA B 35 -20.53 22.64 7.87
N LEU B 36 -20.59 22.14 6.66
CA LEU B 36 -20.11 22.85 5.47
C LEU B 36 -21.24 23.03 4.46
N HIS B 37 -21.40 24.26 3.98
CA HIS B 37 -22.19 24.52 2.79
C HIS B 37 -21.30 24.47 1.55
N ILE B 38 -21.92 24.27 0.38
CA ILE B 38 -21.13 24.23 -0.85
C ILE B 38 -20.35 25.52 -1.03
N LYS B 39 -20.95 26.66 -0.67
CA LYS B 39 -20.23 27.93 -0.73
C LYS B 39 -18.98 27.92 0.13
N ASP B 40 -19.01 27.22 1.27
CA ASP B 40 -17.80 27.13 2.10
C ASP B 40 -16.72 26.35 1.38
N ILE B 41 -17.08 25.23 0.74
CA ILE B 41 -16.09 24.38 0.09
C ILE B 41 -15.37 25.14 -1.04
N LEU B 42 -16.09 26.00 -1.75
CA LEU B 42 -15.54 26.71 -2.90
C LEU B 42 -14.96 28.07 -2.51
N SER B 43 -14.99 28.40 -1.22
CA SER B 43 -14.55 29.71 -0.76
C SER B 43 -13.07 29.93 -1.09
N PRO B 44 -12.67 31.20 -1.29
N PRO B 44 -12.67 31.19 -1.29
CA PRO B 44 -11.23 31.47 -1.48
CA PRO B 44 -11.23 31.47 -1.49
C PRO B 44 -10.38 31.06 -0.30
C PRO B 44 -10.38 31.06 -0.30
N LEU B 45 -10.97 30.89 0.87
CA LEU B 45 -10.24 30.41 2.03
C LEU B 45 -9.70 28.99 1.83
N PHE B 46 -10.32 28.21 0.95
CA PHE B 46 -9.86 26.85 0.67
C PHE B 46 -8.79 26.79 -0.41
N GLY B 47 -8.55 27.89 -1.11
CA GLY B 47 -7.55 27.94 -2.17
C GLY B 47 -7.96 28.91 -3.25
N THR B 48 -6.98 29.31 -4.06
CA THR B 48 -7.19 30.22 -5.18
C THR B 48 -7.49 29.39 -6.41
N LEU B 49 -8.79 29.31 -6.75
CA LEU B 49 -9.25 28.32 -7.72
C LEU B 49 -8.78 28.65 -9.12
N VAL B 50 -8.28 27.64 -9.82
CA VAL B 50 -7.86 27.76 -11.20
C VAL B 50 -8.83 27.03 -12.14
N SER B 51 -9.31 25.86 -11.73
N SER B 51 -9.31 25.86 -11.73
CA SER B 51 -10.25 25.09 -12.52
CA SER B 51 -10.17 25.00 -12.55
C SER B 51 -10.86 24.04 -11.60
C SER B 51 -10.80 23.95 -11.64
N SER B 52 -11.97 23.45 -12.06
CA SER B 52 -12.63 22.44 -11.24
C SER B 52 -13.35 21.44 -12.14
N ALA B 53 -13.58 20.27 -11.56
CA ALA B 53 -14.41 19.22 -12.15
C ALA B 53 -15.49 18.84 -11.13
N GLN B 54 -16.73 18.80 -11.58
CA GLN B 54 -17.85 18.43 -10.74
C GLN B 54 -18.43 17.12 -11.28
N PHE B 55 -18.12 16.01 -10.61
CA PHE B 55 -18.76 14.73 -10.92
C PHE B 55 -20.09 14.68 -10.17
N ASN B 56 -21.18 14.38 -10.87
CA ASN B 56 -22.42 14.24 -10.12
C ASN B 56 -23.46 13.49 -10.96
N TYR B 57 -24.65 13.37 -10.40
CA TYR B 57 -25.79 12.77 -11.07
C TYR B 57 -26.71 13.82 -11.67
N CYS B 58 -27.20 14.76 -10.88
N CYS B 58 -27.17 14.76 -10.84
CA CYS B 58 -28.03 15.81 -11.45
CA CYS B 58 -28.11 15.83 -11.22
C CYS B 58 -27.51 17.17 -11.01
C CYS B 58 -27.47 17.20 -10.97
N PHE B 59 -27.70 18.14 -11.89
CA PHE B 59 -27.09 19.46 -11.85
C PHE B 59 -28.16 20.53 -12.09
N ASP B 60 -28.11 21.60 -11.29
CA ASP B 60 -28.76 22.87 -11.61
C ASP B 60 -27.61 23.84 -11.90
N VAL B 61 -27.33 24.07 -13.19
CA VAL B 61 -26.12 24.80 -13.56
C VAL B 61 -26.21 26.25 -13.12
N ASP B 62 -27.38 26.88 -13.29
CA ASP B 62 -27.56 28.26 -12.82
C ASP B 62 -27.23 28.36 -11.34
N TRP B 63 -27.76 27.44 -10.54
CA TRP B 63 -27.50 27.44 -9.10
C TRP B 63 -26.04 27.14 -8.82
N LEU B 64 -25.47 26.16 -9.52
CA LEU B 64 -24.10 25.73 -9.26
C LEU B 64 -23.12 26.90 -9.43
N VAL B 65 -23.23 27.62 -10.56
CA VAL B 65 -22.30 28.70 -10.82
C VAL B 65 -22.41 29.76 -9.72
N LYS B 66 -23.61 30.00 -9.22
CA LYS B 66 -23.77 30.96 -8.13
C LYS B 66 -23.15 30.50 -6.83
N GLN B 67 -22.83 29.21 -6.70
CA GLN B 67 -22.16 28.75 -5.49
C GLN B 67 -20.66 29.02 -5.51
N TYR B 68 -20.07 29.21 -6.69
CA TYR B 68 -18.69 29.63 -6.79
C TYR B 68 -18.58 31.10 -6.40
N PRO B 69 -17.50 31.50 -5.71
CA PRO B 69 -17.26 32.93 -5.45
C PRO B 69 -17.22 33.71 -6.76
N PRO B 70 -17.70 34.95 -6.77
CA PRO B 70 -17.78 35.69 -8.04
C PRO B 70 -16.45 35.74 -8.79
N GLU B 71 -15.33 35.90 -8.07
CA GLU B 71 -14.03 35.99 -8.72
C GLU B 71 -13.60 34.68 -9.35
N PHE B 72 -14.22 33.56 -9.00
CA PHE B 72 -13.89 32.26 -9.58
C PHE B 72 -14.92 31.81 -10.60
N ARG B 73 -15.96 32.60 -10.85
CA ARG B 73 -17.12 32.10 -11.57
C ARG B 73 -16.87 31.86 -13.05
N LYS B 74 -15.78 32.38 -13.60
CA LYS B 74 -15.47 32.16 -15.00
C LYS B 74 -14.29 31.22 -15.21
N LYS B 75 -13.76 30.63 -14.15
CA LYS B 75 -12.75 29.60 -14.31
C LYS B 75 -13.38 28.35 -14.95
N PRO B 76 -12.59 27.56 -15.68
CA PRO B 76 -13.12 26.35 -16.31
C PRO B 76 -13.77 25.40 -15.30
N ILE B 77 -14.96 24.91 -15.67
CA ILE B 77 -15.68 23.88 -14.91
C ILE B 77 -15.99 22.73 -15.87
N LEU B 78 -15.69 21.52 -15.44
CA LEU B 78 -16.03 20.30 -16.18
C LEU B 78 -17.15 19.58 -15.44
N LEU B 79 -18.28 19.37 -16.12
CA LEU B 79 -19.39 18.62 -15.56
C LEU B 79 -19.31 17.18 -16.05
N VAL B 80 -19.15 16.24 -15.12
CA VAL B 80 -19.07 14.82 -15.44
C VAL B 80 -20.38 14.19 -15.04
N HIS B 81 -21.14 13.71 -16.03
CA HIS B 81 -22.53 13.29 -15.85
C HIS B 81 -22.76 11.98 -16.59
N GLY B 82 -23.95 11.42 -16.43
CA GLY B 82 -24.30 10.17 -17.10
C GLY B 82 -25.52 10.26 -18.01
N ASP B 83 -25.99 11.48 -18.27
CA ASP B 83 -27.24 11.67 -19.00
C ASP B 83 -27.15 11.24 -20.45
N LYS B 84 -28.30 10.83 -21.00
CA LYS B 84 -28.40 10.41 -22.40
C LYS B 84 -29.61 11.08 -23.04
N ARG B 85 -29.63 11.03 -24.38
CA ARG B 85 -30.79 11.45 -25.17
C ARG B 85 -31.33 12.82 -24.73
N GLU B 86 -32.62 12.86 -24.37
CA GLU B 86 -33.25 14.12 -24.00
C GLU B 86 -32.70 14.70 -22.71
N ALA B 87 -32.33 13.85 -21.75
CA ALA B 87 -31.70 14.36 -20.54
C ALA B 87 -30.39 15.06 -20.85
N LYS B 88 -29.58 14.47 -21.73
CA LYS B 88 -28.31 15.06 -22.11
C LYS B 88 -28.48 16.39 -22.82
N ALA B 89 -29.48 16.49 -23.71
CA ALA B 89 -29.74 17.75 -24.39
C ALA B 89 -30.10 18.85 -23.40
N HIS B 90 -30.87 18.52 -22.36
CA HIS B 90 -31.26 19.54 -21.39
C HIS B 90 -30.04 20.03 -20.59
N LEU B 91 -29.15 19.13 -20.21
CA LEU B 91 -27.96 19.57 -19.47
C LEU B 91 -27.12 20.50 -20.33
N HIS B 92 -26.92 20.15 -21.60
CA HIS B 92 -26.17 21.03 -22.50
C HIS B 92 -26.83 22.40 -22.60
N ALA B 93 -28.16 22.44 -22.71
CA ALA B 93 -28.85 23.72 -22.78
C ALA B 93 -28.62 24.53 -21.50
N GLN B 94 -28.65 23.85 -20.35
CA GLN B 94 -28.34 24.51 -19.09
C GLN B 94 -26.95 25.16 -19.10
N ALA B 95 -25.97 24.46 -19.66
CA ALA B 95 -24.58 24.91 -19.60
C ALA B 95 -24.23 25.93 -20.67
N LYS B 96 -25.00 26.01 -21.76
CA LYS B 96 -24.55 26.81 -22.91
C LYS B 96 -24.34 28.29 -22.60
N PRO B 97 -25.12 28.96 -21.73
CA PRO B 97 -24.81 30.36 -21.42
C PRO B 97 -23.41 30.57 -20.83
N TYR B 98 -22.79 29.53 -20.27
CA TYR B 98 -21.50 29.65 -19.58
C TYR B 98 -20.44 29.01 -20.47
N GLU B 99 -19.69 29.86 -21.17
CA GLU B 99 -18.66 29.40 -22.11
C GLU B 99 -17.49 28.70 -21.41
N ASN B 100 -17.36 28.87 -20.10
CA ASN B 100 -16.30 28.21 -19.34
C ASN B 100 -16.67 26.79 -18.92
N ILE B 101 -17.91 26.35 -19.18
CA ILE B 101 -18.37 25.05 -18.72
C ILE B 101 -18.26 24.06 -19.87
N SER B 102 -17.54 22.97 -19.63
CA SER B 102 -17.47 21.84 -20.54
C SER B 102 -18.16 20.64 -19.91
N LEU B 103 -18.54 19.68 -20.76
CA LEU B 103 -19.26 18.51 -20.28
C LEU B 103 -18.54 17.23 -20.69
N CYS B 104 -18.64 16.22 -19.84
CA CYS B 104 -18.09 14.89 -20.09
C CYS B 104 -19.18 13.86 -19.79
N GLN B 105 -19.68 13.20 -20.82
CA GLN B 105 -20.71 12.18 -20.64
C GLN B 105 -20.01 10.85 -20.36
N ALA B 106 -20.14 10.36 -19.13
CA ALA B 106 -19.58 9.07 -18.75
C ALA B 106 -20.27 7.95 -19.54
N LYS B 107 -19.46 7.06 -20.11
CA LYS B 107 -20.03 5.96 -20.88
C LYS B 107 -20.74 4.98 -19.96
N LEU B 108 -21.97 4.60 -20.34
CA LEU B 108 -22.79 3.68 -19.56
C LEU B 108 -23.18 2.53 -20.49
N ASP B 109 -22.22 1.66 -20.76
CA ASP B 109 -22.35 0.62 -21.77
C ASP B 109 -23.15 -0.58 -21.28
N ILE B 110 -23.52 -0.63 -20.01
CA ILE B 110 -24.41 -1.64 -19.48
C ILE B 110 -25.77 -1.01 -19.28
N ALA B 111 -26.82 -1.73 -19.69
CA ALA B 111 -28.17 -1.17 -19.61
C ALA B 111 -28.51 -0.82 -18.16
N PHE B 112 -29.37 0.20 -18.02
CA PHE B 112 -29.85 0.68 -16.72
C PHE B 112 -28.72 1.20 -15.85
N GLY B 113 -27.65 1.69 -16.47
CA GLY B 113 -26.55 2.25 -15.72
C GLY B 113 -26.77 3.72 -15.38
N THR B 114 -26.16 4.14 -14.28
CA THR B 114 -26.27 5.51 -13.78
C THR B 114 -24.88 6.01 -13.42
N HIS B 115 -24.71 7.32 -13.44
CA HIS B 115 -23.49 7.94 -12.91
C HIS B 115 -23.86 8.62 -11.60
N HIS B 116 -23.62 7.93 -10.48
CA HIS B 116 -23.99 8.45 -9.16
C HIS B 116 -22.85 9.12 -8.42
N THR B 117 -21.60 8.87 -8.83
CA THR B 117 -20.44 9.43 -8.16
C THR B 117 -20.57 10.94 -7.95
N LYS B 118 -20.33 11.36 -6.71
CA LYS B 118 -20.35 12.79 -6.38
C LYS B 118 -18.97 13.19 -5.87
N MET B 119 -18.24 13.95 -6.69
CA MET B 119 -16.86 14.30 -6.39
C MET B 119 -16.55 15.66 -6.98
N MET B 120 -15.74 16.43 -6.27
CA MET B 120 -15.17 17.66 -6.81
C MET B 120 -13.66 17.49 -6.89
N LEU B 121 -13.09 17.85 -8.03
CA LEU B 121 -11.65 18.03 -8.16
C LEU B 121 -11.41 19.54 -8.27
N LEU B 122 -10.62 20.10 -7.37
CA LEU B 122 -10.46 21.54 -7.23
C LEU B 122 -8.98 21.88 -7.37
N LEU B 123 -8.60 22.47 -8.50
CA LEU B 123 -7.22 22.83 -8.78
C LEU B 123 -7.00 24.28 -8.38
N TYR B 124 -6.01 24.52 -7.53
CA TYR B 124 -5.68 25.86 -7.06
C TYR B 124 -4.27 26.26 -7.46
N GLU B 125 -3.98 27.55 -7.28
CA GLU B 125 -2.61 28.02 -7.40
C GLU B 125 -1.72 27.39 -6.33
N GLU B 126 -2.30 27.01 -5.20
CA GLU B 126 -1.54 26.48 -4.08
C GLU B 126 -1.45 24.97 -4.07
N GLY B 127 -2.20 24.28 -4.92
CA GLY B 127 -2.20 22.84 -4.91
C GLY B 127 -3.52 22.30 -5.47
N LEU B 128 -3.88 21.11 -4.97
CA LEU B 128 -5.04 20.37 -5.45
C LEU B 128 -5.86 19.86 -4.26
N ARG B 129 -7.18 19.87 -4.40
CA ARG B 129 -8.04 19.25 -3.38
C ARG B 129 -9.07 18.34 -4.06
N VAL B 130 -9.40 17.26 -3.37
CA VAL B 130 -10.40 16.29 -3.80
C VAL B 130 -11.52 16.29 -2.76
N VAL B 131 -12.76 16.41 -3.19
CA VAL B 131 -13.92 16.33 -2.29
C VAL B 131 -14.79 15.17 -2.76
N ILE B 132 -15.05 14.22 -1.87
CA ILE B 132 -15.94 13.10 -2.20
C ILE B 132 -17.12 13.21 -1.25
N HIS B 133 -18.33 13.27 -1.81
CA HIS B 133 -19.48 13.69 -1.00
C HIS B 133 -20.73 12.98 -1.53
N THR B 134 -21.91 13.36 -1.00
CA THR B 134 -23.13 12.63 -1.32
C THR B 134 -24.24 13.49 -1.92
N SER B 135 -24.02 14.78 -2.16
CA SER B 135 -25.10 15.68 -2.58
C SER B 135 -25.12 15.93 -4.08
N ASN B 136 -26.32 15.91 -4.68
CA ASN B 136 -26.49 16.44 -6.02
C ASN B 136 -26.24 17.95 -6.02
N LEU B 137 -25.97 18.48 -7.21
CA LEU B 137 -25.68 19.91 -7.36
C LEU B 137 -26.96 20.68 -7.69
N ILE B 138 -27.92 20.56 -6.76
CA ILE B 138 -29.18 21.29 -6.81
C ILE B 138 -29.45 21.86 -5.42
N HIS B 139 -30.21 22.96 -5.36
CA HIS B 139 -30.41 23.64 -4.08
C HIS B 139 -30.96 22.70 -3.02
N ALA B 140 -31.91 21.84 -3.39
CA ALA B 140 -32.62 21.03 -2.40
C ALA B 140 -31.69 20.05 -1.68
N ASP B 141 -30.64 19.58 -2.34
CA ASP B 141 -29.77 18.59 -1.69
C ASP B 141 -28.88 19.21 -0.63
N TRP B 142 -28.73 20.52 -0.61
CA TRP B 142 -27.89 21.20 0.36
C TRP B 142 -28.71 22.01 1.37
N HIS B 143 -30.03 21.83 1.38
CA HIS B 143 -30.88 22.70 2.16
C HIS B 143 -31.25 22.06 3.50
N GLN B 144 -32.05 20.99 3.48
CA GLN B 144 -32.53 20.41 4.74
C GLN B 144 -32.32 18.90 4.78
N LYS B 145 -31.28 18.38 4.12
CA LYS B 145 -30.99 16.95 4.16
C LYS B 145 -29.73 16.68 4.97
N THR B 146 -29.62 15.44 5.43
CA THR B 146 -28.36 14.95 6.01
C THR B 146 -27.52 14.39 4.86
N GLN B 147 -26.36 15.02 4.63
CA GLN B 147 -25.43 14.65 3.57
C GLN B 147 -24.03 14.60 4.18
N GLY B 148 -23.13 13.85 3.53
CA GLY B 148 -21.78 13.67 4.04
C GLY B 148 -20.73 14.17 3.07
N ILE B 149 -19.61 14.65 3.61
CA ILE B 149 -18.52 15.22 2.83
C ILE B 149 -17.20 14.71 3.39
N TRP B 150 -16.31 14.24 2.52
CA TRP B 150 -14.91 14.02 2.88
C TRP B 150 -14.07 15.08 2.18
N LEU B 151 -13.29 15.84 2.95
CA LEU B 151 -12.37 16.84 2.40
C LEU B 151 -10.96 16.30 2.44
N SER B 152 -10.31 16.20 1.28
CA SER B 152 -8.89 15.84 1.25
C SER B 152 -8.04 16.97 1.82
N PRO B 153 -6.81 16.68 2.23
CA PRO B 153 -5.86 17.76 2.52
C PRO B 153 -5.63 18.58 1.25
N LEU B 154 -5.05 19.76 1.45
CA LEU B 154 -4.48 20.48 0.31
C LEU B 154 -3.23 19.74 -0.16
N TYR B 155 -3.26 19.22 -1.38
CA TYR B 155 -2.14 18.47 -1.94
C TYR B 155 -1.20 19.43 -2.66
N PRO B 156 0.06 19.54 -2.25
CA PRO B 156 0.99 20.43 -2.98
C PRO B 156 1.45 19.80 -4.28
N ARG B 157 1.88 20.65 -5.20
CA ARG B 157 2.43 20.15 -6.46
C ARG B 157 3.80 19.55 -6.21
N ILE B 158 4.12 18.48 -6.93
CA ILE B 158 5.48 17.95 -6.90
C ILE B 158 6.38 18.88 -7.72
N ALA B 159 7.53 19.23 -7.15
CA ALA B 159 8.40 20.25 -7.70
C ALA B 159 8.83 19.92 -9.13
N ASP B 160 9.45 20.92 -9.76
CA ASP B 160 9.99 20.74 -11.10
C ASP B 160 11.16 19.78 -11.09
N GLY B 161 11.18 18.86 -12.05
CA GLY B 161 12.27 17.92 -12.23
C GLY B 161 12.44 16.90 -11.13
N THR B 162 11.59 16.93 -10.09
CA THR B 162 11.66 15.95 -9.02
C THR B 162 10.80 14.74 -9.38
N HIS B 163 11.37 13.55 -9.19
CA HIS B 163 10.67 12.29 -9.44
C HIS B 163 10.27 11.69 -8.11
N LYS B 164 9.00 11.82 -7.75
CA LYS B 164 8.41 11.29 -6.53
C LYS B 164 7.12 10.60 -6.89
N SER B 165 6.73 9.58 -6.10
CA SER B 165 5.42 8.98 -6.37
C SER B 165 4.28 9.90 -5.92
N GLY B 166 4.48 10.63 -4.82
CA GLY B 166 3.35 11.33 -4.23
C GLY B 166 2.25 10.42 -3.75
N GLU B 167 2.54 9.14 -3.52
CA GLU B 167 1.55 8.14 -3.16
C GLU B 167 1.40 8.06 -1.65
N SER B 168 0.18 7.74 -1.20
N SER B 168 0.18 7.73 -1.20
CA SER B 168 -0.12 7.59 0.22
CA SER B 168 -0.17 7.58 0.21
C SER B 168 -0.05 6.14 0.65
C SER B 168 -0.03 6.12 0.65
N PRO B 169 0.04 5.87 1.96
CA PRO B 169 0.02 4.47 2.43
C PRO B 169 -1.26 3.74 2.05
N THR B 170 -2.33 4.45 1.71
CA THR B 170 -3.58 3.83 1.28
C THR B 170 -3.68 3.66 -0.23
N HIS B 171 -2.63 4.01 -1.00
CA HIS B 171 -2.63 3.87 -2.46
C HIS B 171 -3.69 4.77 -3.12
N PHE B 172 -4.10 5.83 -2.43
CA PHE B 172 -5.21 6.66 -2.91
C PHE B 172 -4.89 7.31 -4.26
N LYS B 173 -3.65 7.74 -4.46
CA LYS B 173 -3.32 8.44 -5.69
C LYS B 173 -3.49 7.53 -6.90
N ALA B 174 -2.85 6.35 -6.87
CA ALA B 174 -3.03 5.41 -7.97
C ALA B 174 -4.48 4.95 -8.09
N ASP B 175 -5.17 4.77 -6.97
CA ASP B 175 -6.54 4.25 -7.03
C ASP B 175 -7.49 5.28 -7.64
N LEU B 176 -7.29 6.56 -7.32
CA LEU B 176 -8.12 7.60 -7.92
C LEU B 176 -7.85 7.71 -9.42
N ILE B 177 -6.58 7.62 -9.83
CA ILE B 177 -6.27 7.63 -11.25
C ILE B 177 -6.91 6.43 -11.93
N SER B 178 -6.83 5.25 -11.29
N SER B 178 -6.85 5.26 -11.29
CA SER B 178 -7.46 4.05 -11.83
CA SER B 178 -7.46 4.07 -11.91
C SER B 178 -8.95 4.27 -12.05
C SER B 178 -8.97 4.25 -12.06
N TYR B 179 -9.61 4.90 -11.08
CA TYR B 179 -11.04 5.16 -11.19
C TYR B 179 -11.33 6.07 -12.39
N LEU B 180 -10.56 7.15 -12.52
CA LEU B 180 -10.75 8.05 -13.65
C LEU B 180 -10.41 7.39 -14.98
N MET B 181 -9.42 6.49 -15.00
N MET B 181 -9.41 6.50 -15.00
CA MET B 181 -9.06 5.83 -16.26
CA MET B 181 -9.05 5.82 -16.25
C MET B 181 -10.20 4.99 -16.80
C MET B 181 -10.21 5.02 -16.80
N ALA B 182 -11.08 4.51 -15.92
CA ALA B 182 -12.19 3.67 -16.36
C ALA B 182 -13.16 4.43 -17.27
N TYR B 183 -13.21 5.77 -17.16
CA TYR B 183 -14.09 6.54 -18.04
C TYR B 183 -13.60 6.55 -19.49
N ASN B 184 -12.30 6.43 -19.70
CA ASN B 184 -11.72 6.53 -21.04
C ASN B 184 -12.12 7.85 -21.71
N ALA B 185 -12.01 8.94 -20.95
CA ALA B 185 -12.47 10.24 -21.40
C ALA B 185 -11.31 11.20 -21.55
N PRO B 186 -11.20 11.92 -22.66
CA PRO B 186 -10.05 12.83 -22.84
C PRO B 186 -10.02 13.96 -21.82
N SER B 187 -11.18 14.51 -21.45
CA SER B 187 -11.19 15.57 -20.44
C SER B 187 -10.74 15.05 -19.07
N LEU B 188 -10.92 13.76 -18.80
CA LEU B 188 -10.47 13.23 -17.53
C LEU B 188 -9.01 12.82 -17.56
N LYS B 189 -8.47 12.47 -18.73
CA LYS B 189 -7.02 12.24 -18.82
C LYS B 189 -6.26 13.50 -18.44
N GLU B 190 -6.79 14.67 -18.81
CA GLU B 190 -6.23 15.94 -18.35
C GLU B 190 -6.17 15.99 -16.83
N TRP B 191 -7.28 15.62 -16.16
CA TRP B 191 -7.30 15.65 -14.70
C TRP B 191 -6.38 14.58 -14.10
N ILE B 192 -6.26 13.42 -14.76
CA ILE B 192 -5.27 12.42 -14.33
C ILE B 192 -3.88 13.04 -14.34
N ASP B 193 -3.54 13.78 -15.39
CA ASP B 193 -2.21 14.37 -15.49
C ASP B 193 -2.00 15.43 -14.42
N VAL B 194 -3.06 16.18 -14.08
CA VAL B 194 -3.00 17.10 -12.95
C VAL B 194 -2.69 16.34 -11.66
N ILE B 195 -3.40 15.23 -11.42
CA ILE B 195 -3.19 14.46 -10.20
C ILE B 195 -1.75 13.92 -10.16
N HIS B 196 -1.24 13.45 -11.30
CA HIS B 196 0.14 12.98 -11.36
C HIS B 196 1.12 14.01 -10.82
N LYS B 197 0.84 15.30 -11.06
CA LYS B 197 1.77 16.37 -10.67
C LYS B 197 1.68 16.76 -9.21
N HIS B 198 0.77 16.18 -8.43
CA HIS B 198 0.60 16.56 -7.05
C HIS B 198 0.97 15.41 -6.10
N ASP B 199 1.28 15.82 -4.86
CA ASP B 199 1.68 14.93 -3.78
C ASP B 199 0.44 14.62 -2.95
N LEU B 200 -0.09 13.41 -3.09
CA LEU B 200 -1.25 12.98 -2.32
C LEU B 200 -0.87 12.08 -1.14
N SER B 201 0.39 12.13 -0.71
CA SER B 201 0.87 11.15 0.27
C SER B 201 0.21 11.28 1.64
N GLU B 202 -0.35 12.43 1.98
CA GLU B 202 -0.97 12.58 3.29
C GLU B 202 -2.35 11.93 3.39
N THR B 203 -2.87 11.36 2.31
CA THR B 203 -4.23 10.81 2.34
C THR B 203 -4.29 9.57 3.21
N ASN B 204 -5.25 9.54 4.14
N ASN B 204 -5.25 9.51 4.12
CA ASN B 204 -5.37 8.43 5.09
CA ASN B 204 -5.36 8.37 5.03
C ASN B 204 -6.65 7.62 4.88
C ASN B 204 -6.73 7.72 4.95
N VAL B 205 -7.42 7.88 3.82
CA VAL B 205 -8.60 7.08 3.50
C VAL B 205 -8.29 6.21 2.29
N TYR B 206 -9.04 5.11 2.17
CA TYR B 206 -8.99 4.23 1.00
C TYR B 206 -10.14 4.56 0.07
N LEU B 207 -9.87 4.54 -1.23
CA LEU B 207 -10.90 4.80 -2.23
C LEU B 207 -11.69 3.53 -2.51
N ILE B 208 -13.02 3.62 -2.56
CA ILE B 208 -13.85 2.48 -2.98
C ILE B 208 -14.78 2.96 -4.09
N GLY B 209 -14.47 2.58 -5.32
CA GLY B 209 -15.31 2.97 -6.44
C GLY B 209 -16.04 1.82 -7.08
N SER B 210 -17.07 2.17 -7.83
CA SER B 210 -17.71 1.25 -8.77
C SER B 210 -17.68 1.89 -10.14
N THR B 211 -17.50 1.05 -11.16
N THR B 211 -17.45 1.06 -11.15
CA THR B 211 -17.53 1.46 -12.55
CA THR B 211 -17.55 1.49 -12.54
C THR B 211 -18.24 0.37 -13.34
C THR B 211 -18.27 0.39 -13.30
N PRO B 212 -18.95 0.74 -14.41
CA PRO B 212 -19.71 -0.29 -15.14
C PRO B 212 -18.81 -1.32 -15.80
N GLY B 213 -19.26 -2.57 -15.74
CA GLY B 213 -18.56 -3.61 -16.47
C GLY B 213 -18.85 -4.98 -15.90
N ARG B 214 -18.21 -5.97 -16.53
N ARG B 214 -18.21 -5.97 -16.53
CA ARG B 214 -18.24 -7.36 -16.09
CA ARG B 214 -18.25 -7.35 -16.08
C ARG B 214 -16.80 -7.76 -15.82
C ARG B 214 -16.80 -7.76 -15.82
N PHE B 215 -16.44 -7.87 -14.54
CA PHE B 215 -15.07 -8.05 -14.14
C PHE B 215 -14.83 -9.50 -13.71
N GLN B 216 -13.71 -10.07 -14.18
CA GLN B 216 -13.38 -11.46 -13.90
C GLN B 216 -12.01 -11.55 -13.26
N GLY B 217 -11.82 -12.61 -12.48
CA GLY B 217 -10.53 -12.87 -11.87
C GLY B 217 -10.14 -11.75 -10.92
N SER B 218 -8.88 -11.33 -11.03
CA SER B 218 -8.35 -10.32 -10.12
C SER B 218 -9.09 -8.99 -10.28
N GLN B 219 -9.55 -8.68 -11.49
CA GLN B 219 -10.21 -7.39 -11.71
C GLN B 219 -11.45 -7.22 -10.85
N LYS B 220 -12.09 -8.31 -10.42
CA LYS B 220 -13.23 -8.20 -9.52
C LYS B 220 -12.86 -7.41 -8.26
N ASP B 221 -11.62 -7.56 -7.78
CA ASP B 221 -11.18 -6.90 -6.55
C ASP B 221 -11.06 -5.39 -6.69
N ASN B 222 -11.16 -4.85 -7.91
CA ASN B 222 -11.00 -3.43 -8.12
C ASN B 222 -12.21 -2.61 -7.70
N TRP B 223 -13.41 -3.21 -7.66
CA TRP B 223 -14.64 -2.41 -7.65
C TRP B 223 -15.69 -2.98 -6.70
N GLY B 224 -16.60 -2.10 -6.28
CA GLY B 224 -17.83 -2.54 -5.62
C GLY B 224 -17.54 -3.28 -4.33
N HIS B 225 -18.37 -4.27 -4.02
CA HIS B 225 -18.23 -4.92 -2.72
C HIS B 225 -17.05 -5.88 -2.66
N PHE B 226 -16.54 -6.33 -3.82
CA PHE B 226 -15.29 -7.09 -3.78
C PHE B 226 -14.10 -6.20 -3.46
N ARG B 227 -14.16 -4.92 -3.85
CA ARG B 227 -13.11 -3.99 -3.45
C ARG B 227 -13.15 -3.76 -1.94
N LEU B 228 -14.34 -3.56 -1.38
CA LEU B 228 -14.46 -3.46 0.07
C LEU B 228 -13.95 -4.72 0.75
N LYS B 229 -14.32 -5.88 0.22
CA LYS B 229 -13.87 -7.14 0.81
C LYS B 229 -12.34 -7.25 0.79
N LYS B 230 -11.72 -6.85 -0.32
CA LYS B 230 -10.27 -6.97 -0.43
C LYS B 230 -9.56 -6.03 0.56
N LEU B 231 -10.09 -4.80 0.72
CA LEU B 231 -9.48 -3.88 1.67
C LEU B 231 -9.63 -4.37 3.10
N LEU B 232 -10.79 -4.93 3.45
CA LEU B 232 -10.99 -5.42 4.82
C LEU B 232 -10.11 -6.62 5.11
N LYS B 233 -9.94 -7.50 4.14
CA LYS B 233 -9.03 -8.62 4.31
C LYS B 233 -7.60 -8.16 4.51
N ASP B 234 -7.17 -7.17 3.71
CA ASP B 234 -5.75 -6.80 3.69
C ASP B 234 -5.37 -5.81 4.79
N HIS B 235 -6.33 -5.02 5.30
CA HIS B 235 -5.98 -3.87 6.14
C HIS B 235 -6.83 -3.78 7.39
N ALA B 236 -7.61 -4.80 7.70
CA ALA B 236 -8.30 -4.90 8.97
C ALA B 236 -7.92 -6.22 9.62
N SER B 237 -8.01 -6.28 10.94
CA SER B 237 -7.74 -7.51 11.66
C SER B 237 -9.03 -7.97 12.32
N SER B 238 -9.18 -9.28 12.45
CA SER B 238 -10.34 -9.82 13.13
C SER B 238 -10.08 -9.84 14.63
N MET B 239 -11.11 -9.52 15.39
CA MET B 239 -11.07 -9.51 16.85
C MET B 239 -11.78 -10.74 17.41
N PRO B 240 -11.59 -11.04 18.69
CA PRO B 240 -12.42 -12.07 19.32
C PRO B 240 -13.87 -11.65 19.31
N ASN B 241 -14.76 -12.63 19.23
CA ASN B 241 -16.20 -12.39 19.24
C ASN B 241 -16.64 -11.54 18.06
N ALA B 242 -15.94 -11.67 16.91
CA ALA B 242 -16.31 -10.87 15.74
C ALA B 242 -17.72 -11.19 15.27
N GLU B 243 -18.20 -12.41 15.54
CA GLU B 243 -19.58 -12.79 15.24
C GLU B 243 -20.58 -11.81 15.84
N SER B 244 -20.21 -11.15 16.94
CA SER B 244 -21.12 -10.28 17.66
C SER B 244 -21.06 -8.83 17.21
N TRP B 245 -20.09 -8.46 16.36
CA TRP B 245 -20.00 -7.11 15.85
C TRP B 245 -20.97 -6.96 14.68
N PRO B 246 -22.01 -6.13 14.79
CA PRO B 246 -22.98 -6.01 13.70
C PRO B 246 -22.40 -5.29 12.49
N VAL B 247 -23.15 -5.38 11.39
CA VAL B 247 -22.96 -4.55 10.21
C VAL B 247 -24.14 -3.59 10.14
N VAL B 248 -23.86 -2.33 9.83
CA VAL B 248 -24.89 -1.31 9.63
C VAL B 248 -24.78 -0.79 8.21
N GLY B 249 -25.90 -0.76 7.50
CA GLY B 249 -25.98 -0.11 6.20
C GLY B 249 -27.08 0.94 6.27
N GLN B 250 -26.84 2.07 5.62
CA GLN B 250 -27.70 3.24 5.75
C GLN B 250 -27.69 3.95 4.40
N PHE B 251 -28.88 4.16 3.83
CA PHE B 251 -28.97 4.51 2.41
C PHE B 251 -30.26 5.27 2.16
N SER B 252 -30.37 5.83 0.95
CA SER B 252 -31.56 6.58 0.56
C SER B 252 -32.35 5.91 -0.55
N SER B 253 -31.89 4.76 -1.05
CA SER B 253 -32.69 4.06 -2.05
C SER B 253 -32.33 2.58 -2.01
N VAL B 254 -33.22 1.76 -2.55
CA VAL B 254 -33.12 0.31 -2.50
C VAL B 254 -33.43 -0.24 -3.88
N GLY B 255 -32.56 -1.14 -4.37
CA GLY B 255 -32.82 -1.83 -5.61
C GLY B 255 -33.50 -3.16 -5.38
N SER B 256 -33.74 -3.87 -6.49
N SER B 256 -33.75 -3.88 -6.48
CA SER B 256 -34.30 -5.21 -6.41
CA SER B 256 -34.31 -5.21 -6.40
C SER B 256 -33.23 -6.19 -5.93
C SER B 256 -33.24 -6.20 -5.94
N LEU B 257 -33.43 -6.77 -4.76
CA LEU B 257 -32.42 -7.64 -4.15
C LEU B 257 -32.71 -9.12 -4.33
N GLY B 258 -33.87 -9.49 -4.84
CA GLY B 258 -34.19 -10.88 -5.10
C GLY B 258 -35.36 -11.35 -4.26
N ALA B 259 -35.67 -12.64 -4.43
CA ALA B 259 -36.85 -13.22 -3.80
C ALA B 259 -36.67 -13.49 -2.30
N ASP B 260 -35.44 -13.64 -1.84
CA ASP B 260 -35.18 -13.80 -0.41
C ASP B 260 -33.77 -13.28 -0.11
N GLU B 261 -33.44 -13.24 1.18
CA GLU B 261 -32.15 -12.70 1.60
C GLU B 261 -30.97 -13.54 1.10
N SER B 262 -31.19 -14.82 0.82
CA SER B 262 -30.08 -15.67 0.36
C SER B 262 -29.67 -15.37 -1.07
N LYS B 263 -30.45 -14.58 -1.82
CA LYS B 263 -30.14 -14.38 -3.21
C LYS B 263 -28.95 -13.46 -3.43
N TRP B 264 -28.78 -12.45 -2.57
CA TRP B 264 -27.70 -11.49 -2.73
C TRP B 264 -27.32 -10.81 -1.41
N LEU B 265 -28.33 -10.33 -0.69
CA LEU B 265 -28.10 -9.50 0.49
C LEU B 265 -27.27 -10.21 1.54
N CYS B 266 -27.77 -11.34 2.04
CA CYS B 266 -27.08 -12.06 3.10
C CYS B 266 -26.10 -13.09 2.55
N SER B 267 -26.07 -13.29 1.24
CA SER B 267 -25.02 -14.13 0.66
C SER B 267 -23.81 -13.25 0.37
N GLU B 268 -23.68 -12.73 -0.85
CA GLU B 268 -22.40 -12.14 -1.25
C GLU B 268 -22.19 -10.75 -0.65
N PHE B 269 -23.25 -9.94 -0.53
CA PHE B 269 -23.06 -8.58 -0.02
C PHE B 269 -22.67 -8.60 1.46
N LYS B 270 -23.46 -9.28 2.30
CA LYS B 270 -23.12 -9.37 3.70
C LYS B 270 -21.79 -10.11 3.91
N GLU B 271 -21.50 -11.11 3.07
CA GLU B 271 -20.21 -11.80 3.15
C GLU B 271 -19.06 -10.81 3.03
N SER B 272 -19.12 -9.92 2.04
CA SER B 272 -18.05 -8.94 1.88
C SER B 272 -18.03 -7.97 3.06
N MET B 273 -19.19 -7.58 3.55
CA MET B 273 -19.21 -6.62 4.65
C MET B 273 -18.74 -7.22 5.97
N LEU B 274 -18.83 -8.54 6.13
N LEU B 274 -18.84 -8.53 6.15
CA LEU B 274 -18.40 -9.21 7.35
CA LEU B 274 -18.39 -9.14 7.40
C LEU B 274 -16.89 -9.39 7.41
C LEU B 274 -16.92 -9.55 7.37
N THR B 275 -16.21 -9.24 6.29
CA THR B 275 -14.80 -9.61 6.19
C THR B 275 -13.96 -8.79 7.14
N LEU B 276 -13.03 -9.48 7.81
CA LEU B 276 -12.00 -8.86 8.64
C LEU B 276 -10.78 -9.77 8.60
N GLY B 277 -9.66 -9.26 8.13
CA GLY B 277 -8.42 -10.02 8.18
C GLY B 277 -8.36 -11.12 7.15
N LYS B 278 -7.27 -11.88 7.22
CA LYS B 278 -6.83 -12.75 6.12
C LYS B 278 -7.03 -14.24 6.38
N GLU B 279 -7.74 -14.62 7.43
CA GLU B 279 -7.94 -16.04 7.74
C GLU B 279 -9.40 -16.29 8.09
N SER B 280 -10.04 -17.19 7.36
CA SER B 280 -11.46 -17.46 7.53
C SER B 280 -11.72 -18.55 8.56
N SER B 286 -23.57 -17.76 8.92
CA SER B 286 -23.17 -16.56 9.66
C SER B 286 -24.32 -15.99 10.47
N SER B 287 -24.01 -15.55 11.70
CA SER B 287 -25.00 -15.04 12.63
C SER B 287 -24.82 -13.56 12.94
N VAL B 288 -24.04 -12.83 12.15
CA VAL B 288 -23.80 -11.42 12.43
C VAL B 288 -25.09 -10.63 12.24
N PRO B 289 -25.48 -9.79 13.19
CA PRO B 289 -26.67 -8.96 12.99
C PRO B 289 -26.43 -7.96 11.87
N LEU B 290 -27.47 -7.75 11.05
CA LEU B 290 -27.44 -6.78 9.97
C LEU B 290 -28.54 -5.75 10.23
N TYR B 291 -28.13 -4.49 10.42
CA TYR B 291 -29.06 -3.38 10.65
C TYR B 291 -29.09 -2.53 9.39
N LEU B 292 -30.27 -2.35 8.81
CA LEU B 292 -30.43 -1.46 7.66
C LEU B 292 -31.23 -0.25 8.09
N ILE B 293 -30.71 0.94 7.83
CA ILE B 293 -31.34 2.19 8.26
C ILE B 293 -31.93 2.88 7.03
N TYR B 294 -33.23 3.11 7.05
CA TYR B 294 -33.93 3.71 5.92
C TYR B 294 -35.19 4.40 6.44
N PRO B 295 -35.48 5.63 6.02
CA PRO B 295 -36.61 6.37 6.64
C PRO B 295 -37.93 5.66 6.47
N SER B 296 -38.67 5.56 7.58
CA SER B 296 -40.08 5.17 7.51
C SER B 296 -40.92 6.29 6.91
N VAL B 297 -42.17 5.95 6.60
CA VAL B 297 -43.12 6.98 6.17
C VAL B 297 -43.25 8.07 7.23
N GLU B 298 -43.33 7.68 8.50
N GLU B 298 -43.34 7.68 8.50
CA GLU B 298 -43.48 8.67 9.57
CA GLU B 298 -43.48 8.67 9.57
C GLU B 298 -42.26 9.57 9.66
C GLU B 298 -42.26 9.58 9.64
N ASN B 299 -41.06 9.02 9.47
CA ASN B 299 -39.85 9.84 9.44
C ASN B 299 -39.97 10.94 8.40
N VAL B 300 -40.44 10.57 7.20
CA VAL B 300 -40.55 11.54 6.12
C VAL B 300 -41.68 12.52 6.40
N ARG B 301 -42.81 12.02 6.86
CA ARG B 301 -43.98 12.89 7.07
C ARG B 301 -43.67 14.05 8.01
N THR B 302 -42.93 13.79 9.10
CA THR B 302 -42.65 14.83 10.09
C THR B 302 -41.27 15.46 9.90
N SER B 303 -40.62 15.20 8.77
CA SER B 303 -39.34 15.80 8.47
C SER B 303 -39.47 17.30 8.22
N LEU B 304 -38.32 17.98 8.19
CA LEU B 304 -38.30 19.41 7.90
C LEU B 304 -38.97 19.73 6.57
N GLU B 305 -38.78 18.86 5.58
CA GLU B 305 -39.38 19.07 4.26
C GLU B 305 -40.79 18.52 4.14
N GLY B 306 -41.18 17.61 5.03
CA GLY B 306 -42.43 16.89 4.84
C GLY B 306 -42.29 15.83 3.77
N TYR B 307 -43.44 15.46 3.20
CA TYR B 307 -43.46 14.44 2.16
C TYR B 307 -42.51 14.72 0.99
N PRO B 308 -42.29 15.97 0.56
CA PRO B 308 -41.35 16.20 -0.55
C PRO B 308 -39.94 15.71 -0.28
N ALA B 309 -39.53 15.50 0.98
CA ALA B 309 -38.26 14.83 1.21
C ALA B 309 -38.23 13.46 0.54
N GLY B 310 -39.39 12.82 0.42
CA GLY B 310 -39.47 11.50 -0.20
C GLY B 310 -39.21 11.49 -1.69
N GLY B 311 -39.19 12.65 -2.34
CA GLY B 311 -38.75 12.69 -3.73
C GLY B 311 -37.29 12.33 -3.90
N SER B 312 -36.51 12.38 -2.83
CA SER B 312 -35.11 11.99 -2.85
C SER B 312 -34.87 10.67 -2.11
N LEU B 313 -35.94 9.90 -1.86
CA LEU B 313 -35.85 8.56 -1.28
C LEU B 313 -36.56 7.62 -2.24
N PRO B 314 -35.92 7.30 -3.39
CA PRO B 314 -36.62 6.65 -4.53
C PRO B 314 -36.73 5.13 -4.43
N TYR B 315 -37.53 4.66 -3.47
CA TYR B 315 -37.87 3.25 -3.34
C TYR B 315 -39.26 3.09 -3.92
N SER B 316 -39.36 2.33 -5.02
CA SER B 316 -40.62 2.19 -5.76
C SER B 316 -41.43 1.01 -5.27
N ILE B 317 -42.76 1.16 -5.33
CA ILE B 317 -43.65 0.09 -4.90
C ILE B 317 -43.43 -1.17 -5.72
N GLN B 318 -43.07 -1.01 -7.00
CA GLN B 318 -42.82 -2.16 -7.85
C GLN B 318 -41.68 -3.01 -7.31
N THR B 319 -40.62 -2.36 -6.83
CA THR B 319 -39.50 -3.08 -6.24
C THR B 319 -39.87 -3.62 -4.86
N ALA B 320 -40.50 -2.79 -4.04
CA ALA B 320 -40.77 -3.14 -2.64
C ALA B 320 -41.67 -4.36 -2.52
N GLU B 321 -42.71 -4.46 -3.38
CA GLU B 321 -43.67 -5.55 -3.22
C GLU B 321 -43.09 -6.91 -3.59
N LYS B 322 -41.97 -6.93 -4.32
CA LYS B 322 -41.25 -8.15 -4.63
C LYS B 322 -40.41 -8.66 -3.47
N GLN B 323 -40.17 -7.84 -2.44
CA GLN B 323 -39.16 -8.17 -1.45
C GLN B 323 -39.57 -7.71 -0.05
N ASN B 324 -40.82 -8.00 0.35
CA ASN B 324 -41.21 -7.53 1.68
C ASN B 324 -40.43 -8.22 2.80
N TRP B 325 -39.82 -9.38 2.52
CA TRP B 325 -38.90 -10.00 3.48
C TRP B 325 -37.84 -9.02 3.95
N LEU B 326 -37.45 -8.05 3.11
CA LEU B 326 -36.34 -7.16 3.44
C LEU B 326 -36.67 -6.20 4.58
N HIS B 327 -37.94 -5.84 4.72
CA HIS B 327 -38.30 -4.73 5.61
C HIS B 327 -38.22 -5.11 7.09
N SER B 328 -38.14 -6.40 7.42
N SER B 328 -38.15 -6.40 7.42
CA SER B 328 -37.87 -6.79 8.80
CA SER B 328 -37.86 -6.80 8.79
C SER B 328 -36.44 -6.46 9.23
C SER B 328 -36.45 -6.42 9.23
N TYR B 329 -35.59 -6.01 8.31
CA TYR B 329 -34.26 -5.53 8.63
C TYR B 329 -34.22 -4.03 8.85
N PHE B 330 -35.33 -3.33 8.65
CA PHE B 330 -35.30 -1.88 8.53
C PHE B 330 -35.42 -1.20 9.89
N HIS B 331 -34.60 -0.16 10.06
CA HIS B 331 -34.54 0.64 11.27
C HIS B 331 -34.77 2.11 10.90
N LYS B 332 -35.36 2.84 11.83
CA LYS B 332 -35.75 4.23 11.61
C LYS B 332 -34.53 5.13 11.47
N TRP B 333 -34.73 6.25 10.81
CA TRP B 333 -33.72 7.31 10.80
C TRP B 333 -33.82 8.08 12.10
N SER B 334 -32.72 8.15 12.84
CA SER B 334 -32.66 8.91 14.07
C SER B 334 -31.28 9.52 14.16
N ALA B 335 -31.19 10.82 14.40
CA ALA B 335 -29.89 11.48 14.41
C ALA B 335 -29.89 12.60 15.44
N GLU B 336 -30.38 12.30 16.65
CA GLU B 336 -30.30 13.26 17.75
C GLU B 336 -28.86 13.72 17.97
N THR B 337 -27.90 12.83 17.76
CA THR B 337 -26.49 13.18 18.00
C THR B 337 -26.05 14.39 17.17
N SER B 338 -26.60 14.55 15.96
CA SER B 338 -26.26 15.68 15.10
C SER B 338 -27.44 16.64 14.89
N GLY B 339 -28.48 16.54 15.71
CA GLY B 339 -29.63 17.41 15.59
C GLY B 339 -30.38 17.24 14.29
N ARG B 340 -30.26 16.07 13.66
CA ARG B 340 -30.70 15.88 12.28
C ARG B 340 -31.77 14.79 12.11
N SER B 341 -32.50 14.44 13.17
CA SER B 341 -33.56 13.45 13.03
C SER B 341 -34.63 13.88 12.03
N ASN B 342 -34.84 15.19 11.85
CA ASN B 342 -35.82 15.68 10.89
C ASN B 342 -35.20 16.10 9.56
N ALA B 343 -33.90 15.92 9.38
CA ALA B 343 -33.25 16.21 8.08
C ALA B 343 -33.02 14.89 7.39
N MET B 344 -33.85 14.57 6.39
CA MET B 344 -33.86 13.22 5.84
C MET B 344 -32.50 12.90 5.20
N PRO B 345 -32.07 11.64 5.29
CA PRO B 345 -30.73 11.28 4.82
C PRO B 345 -30.68 11.13 3.31
N HIS B 346 -29.72 11.81 2.69
CA HIS B 346 -29.27 11.45 1.37
C HIS B 346 -27.83 10.96 1.40
N ILE B 347 -27.19 11.04 2.56
CA ILE B 347 -25.93 10.34 2.79
C ILE B 347 -26.14 8.83 2.71
N LYS B 348 -25.07 8.11 2.33
CA LYS B 348 -25.04 6.65 2.43
C LYS B 348 -23.82 6.27 3.24
N THR B 349 -24.00 5.42 4.25
CA THR B 349 -22.88 4.99 5.09
C THR B 349 -23.00 3.51 5.41
N TYR B 350 -21.86 2.88 5.66
CA TYR B 350 -21.77 1.48 6.04
C TYR B 350 -20.68 1.37 7.10
N MET B 351 -20.88 0.53 8.11
CA MET B 351 -19.90 0.48 9.18
C MET B 351 -20.09 -0.80 10.01
N ARG B 352 -19.11 -1.06 10.87
CA ARG B 352 -19.04 -2.30 11.64
C ARG B 352 -18.84 -1.96 13.11
N PRO B 353 -19.92 -1.66 13.83
CA PRO B 353 -19.80 -1.32 15.26
C PRO B 353 -19.54 -2.55 16.12
N SER B 354 -19.11 -2.28 17.35
CA SER B 354 -18.94 -3.33 18.34
C SER B 354 -20.31 -3.73 18.88
N PRO B 355 -20.41 -4.82 19.66
CA PRO B 355 -21.73 -5.25 20.16
C PRO B 355 -22.47 -4.20 20.99
N ASP B 356 -21.77 -3.32 21.68
CA ASP B 356 -22.41 -2.25 22.43
C ASP B 356 -22.36 -0.92 21.69
N PHE B 357 -21.94 -0.92 20.43
CA PHE B 357 -21.94 0.26 19.55
C PHE B 357 -21.05 1.39 20.06
N SER B 358 -20.11 1.09 20.96
CA SER B 358 -19.19 2.10 21.48
C SER B 358 -17.97 2.28 20.61
N LYS B 359 -17.68 1.31 19.74
CA LYS B 359 -16.53 1.38 18.84
C LYS B 359 -16.99 0.94 17.46
N ILE B 360 -16.17 1.24 16.45
CA ILE B 360 -16.39 0.74 15.09
C ILE B 360 -15.08 0.22 14.52
N ALA B 361 -15.17 -0.86 13.73
CA ALA B 361 -14.00 -1.42 13.08
C ALA B 361 -13.69 -0.73 11.74
N TRP B 362 -14.64 -0.02 11.15
CA TRP B 362 -14.40 0.77 9.96
C TRP B 362 -15.65 1.59 9.68
N PHE B 363 -15.52 2.58 8.81
CA PHE B 363 -16.62 3.46 8.42
C PHE B 363 -16.44 3.82 6.96
N LEU B 364 -17.52 3.73 6.19
CA LEU B 364 -17.52 4.08 4.77
C LEU B 364 -18.63 5.07 4.50
N VAL B 365 -18.29 6.18 3.82
CA VAL B 365 -19.28 7.12 3.29
C VAL B 365 -19.17 7.05 1.77
N THR B 366 -20.30 6.98 1.08
CA THR B 366 -20.29 6.66 -0.34
C THR B 366 -21.56 7.15 -1.01
N SER B 367 -21.55 7.10 -2.33
CA SER B 367 -22.76 7.32 -3.11
C SER B 367 -23.62 6.05 -3.27
N ALA B 368 -23.08 4.88 -2.93
CA ALA B 368 -23.72 3.60 -3.28
C ALA B 368 -24.90 3.30 -2.36
N ASN B 369 -26.08 3.19 -2.94
CA ASN B 369 -27.27 2.73 -2.25
C ASN B 369 -27.26 1.21 -2.09
N LEU B 370 -28.32 0.67 -1.51
CA LEU B 370 -28.44 -0.78 -1.28
C LEU B 370 -28.98 -1.41 -2.55
N SER B 371 -28.08 -1.69 -3.49
CA SER B 371 -28.49 -2.19 -4.78
C SER B 371 -27.37 -2.99 -5.43
N LYS B 372 -27.76 -4.02 -6.19
CA LYS B 372 -26.79 -4.77 -6.97
C LYS B 372 -26.15 -3.91 -8.06
N ALA B 373 -26.87 -2.91 -8.57
CA ALA B 373 -26.34 -2.10 -9.65
C ALA B 373 -25.15 -1.27 -9.20
N ALA B 374 -25.15 -0.84 -7.94
CA ALA B 374 -24.11 -0.01 -7.36
C ALA B 374 -22.94 -0.83 -6.82
N TRP B 375 -23.24 -1.94 -6.14
CA TRP B 375 -22.24 -2.72 -5.42
C TRP B 375 -21.70 -3.88 -6.23
N GLY B 376 -22.46 -4.35 -7.22
CA GLY B 376 -22.07 -5.48 -8.04
C GLY B 376 -22.79 -6.75 -7.64
N ALA B 377 -23.00 -7.63 -8.61
CA ALA B 377 -23.61 -8.93 -8.39
C ALA B 377 -22.86 -9.98 -9.20
N LEU B 378 -22.54 -11.09 -8.56
CA LEU B 378 -21.79 -12.15 -9.21
C LEU B 378 -22.61 -12.78 -10.33
N GLU B 379 -21.94 -13.08 -11.44
CA GLU B 379 -22.54 -13.76 -12.58
C GLU B 379 -21.64 -14.93 -12.96
N LYS B 380 -22.19 -15.82 -13.76
CA LYS B 380 -21.48 -16.96 -14.33
C LYS B 380 -20.76 -17.76 -13.24
N ASN B 381 -21.56 -18.25 -12.30
CA ASN B 381 -21.10 -19.08 -11.20
C ASN B 381 -19.95 -18.42 -10.45
N GLY B 382 -20.21 -17.19 -9.99
CA GLY B 382 -19.25 -16.47 -9.18
C GLY B 382 -17.97 -16.06 -9.87
N THR B 383 -17.87 -16.24 -11.18
CA THR B 383 -16.64 -15.89 -11.89
C THR B 383 -16.62 -14.44 -12.37
N GLN B 384 -17.78 -13.78 -12.43
CA GLN B 384 -17.91 -12.46 -13.03
C GLN B 384 -18.69 -11.55 -12.10
N LEU B 385 -18.15 -10.38 -11.79
CA LEU B 385 -18.85 -9.36 -11.01
C LEU B 385 -19.38 -8.32 -11.98
N MET B 386 -20.70 -8.18 -12.05
CA MET B 386 -21.33 -7.22 -12.94
C MET B 386 -21.76 -5.99 -12.16
N ILE B 387 -21.37 -4.82 -12.65
CA ILE B 387 -21.71 -3.54 -12.03
C ILE B 387 -22.31 -2.65 -13.10
N ARG B 388 -23.37 -1.92 -12.75
CA ARG B 388 -24.03 -1.08 -13.74
C ARG B 388 -23.68 0.39 -13.64
N SER B 389 -23.28 0.90 -12.48
N SER B 389 -23.23 0.87 -12.49
CA SER B 389 -23.25 2.33 -12.22
CA SER B 389 -23.20 2.28 -12.18
C SER B 389 -21.92 2.78 -11.65
C SER B 389 -21.78 2.73 -11.85
N TYR B 390 -21.57 4.04 -11.93
CA TYR B 390 -20.43 4.69 -11.29
C TYR B 390 -20.82 5.07 -9.86
N GLU B 391 -20.00 4.66 -8.89
CA GLU B 391 -20.16 5.01 -7.49
C GLU B 391 -18.79 5.34 -6.91
N LEU B 392 -18.77 6.10 -5.82
CA LEU B 392 -17.49 6.42 -5.20
C LEU B 392 -17.71 6.74 -3.72
N GLY B 393 -16.81 6.23 -2.88
CA GLY B 393 -16.83 6.50 -1.45
C GLY B 393 -15.43 6.41 -0.91
N VAL B 394 -15.27 6.75 0.38
CA VAL B 394 -13.99 6.62 1.05
C VAL B 394 -14.16 5.81 2.32
N LEU B 395 -13.17 4.96 2.59
CA LEU B 395 -13.20 4.03 3.71
C LEU B 395 -12.21 4.48 4.77
N PHE B 396 -12.70 4.60 6.01
CA PHE B 396 -11.88 4.89 7.17
C PHE B 396 -11.56 3.59 7.87
N LEU B 397 -10.27 3.21 7.91
CA LEU B 397 -9.80 2.02 8.62
C LEU B 397 -8.93 2.43 9.79
N PRO B 398 -9.14 1.87 10.99
CA PRO B 398 -8.31 2.24 12.14
C PRO B 398 -6.81 2.10 11.88
N SER B 399 -6.40 1.07 11.16
CA SER B 399 -4.97 0.87 10.90
C SER B 399 -4.35 2.04 10.14
N ALA B 400 -5.14 2.73 9.30
CA ALA B 400 -4.63 3.88 8.56
C ALA B 400 -4.39 5.08 9.47
N PHE B 401 -4.86 5.00 10.71
CA PHE B 401 -4.67 6.05 11.71
C PHE B 401 -3.87 5.56 12.90
N GLY B 402 -3.23 4.40 12.78
CA GLY B 402 -2.44 3.86 13.87
C GLY B 402 -3.28 3.33 15.02
N LEU B 403 -4.50 2.88 14.75
CA LEU B 403 -5.42 2.42 15.78
C LEU B 403 -5.89 1.00 15.47
N ASP B 404 -6.39 0.35 16.52
CA ASP B 404 -7.06 -0.94 16.40
C ASP B 404 -8.54 -0.79 16.11
N SER B 405 -9.17 0.28 16.60
CA SER B 405 -10.56 0.56 16.32
C SER B 405 -10.79 2.05 16.54
N PHE B 406 -11.97 2.53 16.13
CA PHE B 406 -12.39 3.88 16.43
C PHE B 406 -13.41 3.87 17.55
N LYS B 407 -13.26 4.80 18.50
N LYS B 407 -13.23 4.78 18.51
CA LYS B 407 -14.32 5.08 19.44
CA LYS B 407 -14.32 5.08 19.43
C LYS B 407 -15.39 5.93 18.76
C LYS B 407 -15.40 5.88 18.69
N VAL B 408 -16.65 5.65 19.07
CA VAL B 408 -17.77 6.38 18.49
C VAL B 408 -17.97 7.68 19.27
N LYS B 409 -17.95 8.81 18.57
CA LYS B 409 -18.27 10.10 19.18
C LYS B 409 -19.71 10.07 19.66
N GLN B 410 -19.93 10.32 20.94
CA GLN B 410 -21.29 10.16 21.44
C GLN B 410 -22.17 11.36 21.12
N LYS B 411 -21.58 12.54 20.93
CA LYS B 411 -22.29 13.69 20.40
C LYS B 411 -21.51 14.23 19.21
N PHE B 412 -22.18 14.35 18.06
CA PHE B 412 -21.49 14.59 16.79
C PHE B 412 -20.72 15.90 16.81
N PHE B 413 -21.29 16.95 17.40
CA PHE B 413 -20.69 18.28 17.37
C PHE B 413 -20.02 18.66 18.69
N ALA B 414 -19.80 17.69 19.58
CA ALA B 414 -19.16 17.97 20.86
C ALA B 414 -17.77 17.33 20.91
N PRO B 419 -10.24 12.92 22.79
CA PRO B 419 -9.16 12.83 21.80
C PRO B 419 -9.69 12.82 20.35
N MET B 420 -8.78 12.52 19.42
CA MET B 420 -9.13 12.38 18.01
C MET B 420 -8.88 10.95 17.52
N ALA B 421 -9.09 9.98 18.42
CA ALA B 421 -9.30 8.59 18.06
C ALA B 421 -10.79 8.26 17.98
N THR B 422 -11.63 9.28 17.83
CA THR B 422 -13.07 9.20 18.03
C THR B 422 -13.80 9.56 16.75
N PHE B 423 -14.52 8.60 16.18
CA PHE B 423 -15.04 8.91 14.86
C PHE B 423 -16.44 9.54 14.94
N PRO B 424 -16.69 10.58 14.16
CA PRO B 424 -17.98 11.29 14.24
C PRO B 424 -19.09 10.61 13.44
N VAL B 425 -19.71 9.61 14.05
CA VAL B 425 -20.85 8.91 13.45
C VAL B 425 -22.05 9.86 13.45
N PRO B 426 -22.69 10.14 12.32
CA PRO B 426 -23.67 11.24 12.26
C PRO B 426 -25.10 10.88 12.63
N TYR B 427 -25.41 9.63 12.94
CA TYR B 427 -26.75 9.27 13.40
C TYR B 427 -26.63 8.39 14.63
N ASP B 428 -27.79 8.11 15.23
CA ASP B 428 -27.85 7.49 16.55
C ASP B 428 -27.61 5.99 16.51
N LEU B 429 -26.94 5.50 17.55
CA LEU B 429 -26.70 4.08 17.81
C LEU B 429 -27.17 3.75 19.21
N PRO B 430 -27.75 2.55 19.43
CA PRO B 430 -28.07 1.56 18.38
C PRO B 430 -29.25 2.03 17.51
N PRO B 431 -29.34 1.54 16.28
CA PRO B 431 -30.49 1.88 15.45
C PRO B 431 -31.75 1.26 16.02
N GLU B 432 -32.87 1.96 15.81
CA GLU B 432 -34.14 1.55 16.41
C GLU B 432 -34.99 0.87 15.34
N LEU B 433 -35.45 -0.34 15.63
CA LEU B 433 -36.25 -1.09 14.67
C LEU B 433 -37.54 -0.36 14.36
N TYR B 434 -38.01 -0.49 13.11
CA TYR B 434 -39.36 -0.05 12.79
C TYR B 434 -40.33 -0.62 13.80
N GLY B 435 -41.31 0.21 14.21
CA GLY B 435 -42.43 -0.29 14.97
C GLY B 435 -43.39 -1.06 14.08
N SER B 436 -44.30 -1.77 14.73
CA SER B 436 -45.20 -2.67 14.01
C SER B 436 -46.08 -1.92 13.03
N LYS B 437 -46.37 -0.64 13.30
CA LYS B 437 -47.19 0.18 12.40
C LYS B 437 -46.36 0.88 11.33
N ASP B 438 -45.03 0.88 11.44
CA ASP B 438 -44.19 1.60 10.50
C ASP B 438 -44.12 0.87 9.16
N ARG B 439 -43.87 1.64 8.11
CA ARG B 439 -43.64 1.11 6.78
C ARG B 439 -42.48 1.87 6.15
N PRO B 440 -41.73 1.24 5.26
CA PRO B 440 -40.66 1.97 4.57
C PRO B 440 -41.25 3.06 3.69
N TRP B 441 -40.54 4.19 3.60
CA TRP B 441 -40.97 5.21 2.65
C TRP B 441 -40.90 4.63 1.24
N ILE B 442 -42.02 4.74 0.52
CA ILE B 442 -42.14 4.29 -0.86
C ILE B 442 -42.63 5.46 -1.67
N TRP B 443 -41.86 5.89 -2.67
CA TRP B 443 -42.06 7.24 -3.19
C TRP B 443 -43.25 7.36 -4.12
N ASN B 444 -43.67 6.28 -4.78
CA ASN B 444 -44.65 6.41 -5.85
C ASN B 444 -46.03 5.85 -5.49
N ILE B 445 -46.39 5.90 -4.21
CA ILE B 445 -47.78 5.67 -3.79
C ILE B 445 -48.23 6.90 -3.01
N PRO B 446 -49.53 7.13 -2.91
CA PRO B 446 -50.01 8.31 -2.20
C PRO B 446 -50.09 8.10 -0.70
N TYR B 447 -49.94 9.22 0.03
CA TYR B 447 -50.12 9.26 1.47
C TYR B 447 -51.12 10.40 1.71
N VAL B 448 -52.38 10.05 1.97
CA VAL B 448 -53.47 11.03 1.98
C VAL B 448 -54.27 10.96 3.27
N LYS B 449 -53.79 10.22 4.26
CA LYS B 449 -54.53 10.09 5.51
C LYS B 449 -54.01 10.98 6.63
N ALA B 450 -52.75 11.42 6.57
CA ALA B 450 -52.20 12.31 7.57
C ALA B 450 -51.35 13.37 6.88
N PRO B 451 -51.59 14.65 7.15
CA PRO B 451 -50.78 15.70 6.54
C PRO B 451 -49.38 15.73 7.14
N ASP B 452 -48.46 16.30 6.37
CA ASP B 452 -47.06 16.36 6.77
C ASP B 452 -46.79 17.65 7.55
N THR B 453 -45.49 17.91 7.77
CA THR B 453 -45.04 19.11 8.47
C THR B 453 -45.67 20.38 7.93
N HIS B 454 -45.92 20.45 6.63
CA HIS B 454 -46.42 21.66 5.99
C HIS B 454 -47.91 21.58 5.67
N GLY B 455 -48.61 20.63 6.27
CA GLY B 455 -50.05 20.52 6.09
C GLY B 455 -50.48 19.94 4.77
N ASN B 456 -49.60 19.19 4.10
CA ASN B 456 -49.83 18.69 2.75
C ASN B 456 -49.94 17.17 2.73
N MET B 457 -50.59 16.68 1.69
N MET B 457 -50.58 16.69 1.67
CA MET B 457 -50.59 15.26 1.37
CA MET B 457 -50.61 15.27 1.33
C MET B 457 -49.62 14.99 0.23
C MET B 457 -49.57 14.99 0.24
N TRP B 458 -49.35 13.70 -0.03
CA TRP B 458 -48.42 13.26 -1.05
C TRP B 458 -49.18 12.47 -2.10
N VAL B 459 -49.23 13.00 -3.33
CA VAL B 459 -49.92 12.33 -4.43
C VAL B 459 -48.99 12.35 -5.62
N PRO B 460 -48.20 11.30 -5.84
CA PRO B 460 -47.13 11.31 -6.87
C PRO B 460 -47.61 10.99 -8.28
N SER B 461 -48.46 11.84 -8.83
CA SER B 461 -48.78 11.72 -10.25
C SER B 461 -48.80 13.09 -10.93
C10 OYR C . 29.40 -21.02 6.59
C13 OYR C . 32.06 -18.44 6.86
C15 OYR C . 34.36 -18.48 7.95
C20 OYR C . 35.25 -14.32 10.50
C21 OYR C . 35.81 -13.63 11.56
C22 OYR C . 35.60 -14.06 12.86
C24 OYR C . 35.63 -13.51 15.20
C26 OYR C . 37.28 -12.01 15.99
C02 OYR C . 27.49 -15.19 2.35
C04 OYR C . 27.56 -16.21 3.49
C05 OYR C . 27.74 -17.56 3.18
C06 OYR C . 27.81 -18.52 4.18
C07 OYR C . 27.68 -18.12 5.49
C09 OYR C . 28.13 -20.46 6.40
C11 OYR C . 30.60 -20.37 6.92
C12 OYR C . 30.86 -19.05 6.52
C14 OYR C . 33.01 -19.13 7.57
C16 OYR C . 34.51 -18.44 9.47
C18 OYR C . 33.86 -16.21 9.56
C19 OYR C . 34.48 -15.46 10.73
C23 OYR C . 36.16 -13.37 13.92
C25 OYR C . 36.19 -12.82 16.27
C27 OYR C . 37.77 -11.91 14.70
C29 OYR C . 34.83 -15.20 13.09
C30 OYR C . 34.28 -15.90 12.03
C31 OYR C . 32.77 -20.43 7.96
C32 OYR C . 31.57 -21.05 7.63
C34 OYR C . 27.99 -22.58 6.05
C35 OYR C . 27.35 -23.79 5.71
C36 OYR C . 25.98 -23.80 5.44
C37 OYR C . 25.35 -25.01 5.12
C38 OYR C . 25.89 -26.20 5.58
C39 OYR C . 25.27 -27.41 5.26
C40 OYR C . 24.11 -27.40 4.51
C41 OYR C . 23.57 -26.20 4.05
C42 OYR C . 24.19 -24.99 4.37
C43 OYR C . 25.29 -22.60 5.50
C44 OYR C . 25.98 -21.44 5.82
C46 OYR C . 27.50 -16.79 5.81
C47 OYR C . 27.44 -15.83 4.82
C48 OYR C . 27.21 -14.39 5.27
N08 OYR C . 27.74 -19.08 6.58
N28 OYR C . 37.20 -12.58 13.70
N33 OYR C . 29.29 -22.32 6.35
N45 OYR C . 27.29 -21.47 6.08
O01 OYR C . 28.27 -15.31 1.38
O03 OYR C . 26.66 -14.25 2.38
O17 OYR C . 33.57 -17.51 9.96
O49 OYR C . 26.15 -14.11 5.88
O50 OYR C . 28.07 -13.50 5.06
S DMS D . 32.98 -22.57 -16.97
O DMS D . 31.65 -23.06 -17.48
C1 DMS D . 34.25 -22.78 -18.25
C2 DMS D . 33.60 -23.64 -15.64
S1 MPO E . 23.23 -20.63 2.25
O1 MPO E . 22.24 -19.72 1.55
O2 MPO E . 22.55 -21.83 2.87
O4 MPO E . 29.16 -24.89 2.91
N1 MPO E . 27.46 -23.47 1.16
C1 MPO E . 24.46 -21.17 1.02
O3 MPO E . 23.91 -19.98 3.44
C2 MPO E . 25.48 -22.10 1.70
C3 MPO E . 26.42 -22.61 0.61
C4 MPO E . 28.44 -22.77 1.93
C5 MPO E . 29.61 -23.71 2.24
C6 MPO E . 28.09 -25.57 2.25
C7 MPO E . 26.95 -24.61 1.83
C1 EDO F . 15.16 -12.77 0.31
O1 EDO F . 13.95 -12.60 1.03
C2 EDO F . 15.42 -11.57 -0.60
O2 EDO F . 15.67 -10.37 0.16
C1 EDO G . 1.09 2.37 14.61
O1 EDO G . 2.41 1.95 14.28
C2 EDO G . 1.18 3.64 15.44
O2 EDO G . 1.82 4.66 14.65
C1 EDO H . 6.71 -8.52 5.51
O1 EDO H . 7.64 -7.92 4.60
C2 EDO H . 5.89 -9.57 4.78
O2 EDO H . 5.03 -8.90 3.85
C1 EDO I . 27.56 0.51 -16.56
O1 EDO I . 27.93 -0.81 -16.94
C2 EDO I . 27.38 0.56 -15.05
O2 EDO I . 26.46 -0.46 -14.65
C10 OYR J . -34.24 6.95 -10.00
C13 OYR J . -35.76 10.09 -8.77
C15 OYR J . -38.15 10.65 -8.09
C02 OYR J . -29.79 8.44 -4.50
C04 OYR J . -30.30 8.39 -5.95
C05 OYR J . -31.30 7.49 -6.24
C06 OYR J . -31.82 7.39 -7.52
C07 OYR J . -31.32 8.19 -8.53
C09 OYR J . -32.83 6.96 -10.13
C11 OYR J . -35.14 7.92 -9.56
C12 OYR J . -34.77 9.22 -9.25
C14 OYR J . -37.07 9.68 -8.60
C31 OYR J . -37.43 8.37 -8.90
C32 OYR J . -36.45 7.50 -9.37
C34 OYR J . -33.58 5.00 -10.67
C35 OYR J . -33.52 3.66 -11.11
C36 OYR J . -32.30 3.08 -11.44
C37 OYR J . -32.24 1.75 -11.84
C38 OYR J . -33.26 1.20 -12.62
C39 OYR J . -33.19 -0.12 -13.01
C40 OYR J . -32.13 -0.92 -12.63
C41 OYR J . -31.11 -0.38 -11.86
C42 OYR J . -31.18 0.95 -11.47
C43 OYR J . -31.16 3.88 -11.28
C44 OYR J . -31.29 5.19 -10.85
C46 OYR J . -30.31 9.11 -8.24
C47 OYR J . -29.79 9.21 -6.95
C48 OYR J . -28.67 10.23 -6.68
N08 OYR J . -31.90 8.06 -9.87
N33 OYR J . -34.64 5.73 -10.33
N45 OYR J . -32.50 5.71 -10.56
O01 OYR J . -28.58 8.64 -4.26
O03 OYR J . -30.61 8.27 -3.57
O49 OYR J . -27.55 10.15 -7.26
O50 OYR J . -28.87 11.15 -5.84
C1 EDO K . -19.33 1.44 -3.94
O1 EDO K . -18.20 1.15 -4.76
C2 EDO K . -18.89 1.76 -2.51
O2 EDO K . -18.22 3.03 -2.49
#